data_2W27
#
_entry.id   2W27
#
_cell.length_a   46.167
_cell.length_b   124.521
_cell.length_c   168.751
_cell.angle_alpha   90.00
_cell.angle_beta   90.00
_cell.angle_gamma   90.00
#
_symmetry.space_group_name_H-M   'P 21 21 21'
#
loop_
_entity.id
_entity.type
_entity.pdbx_description
1 polymer 'YKUI PROTEIN'
2 non-polymer "GUANOSINE-5'-MONOPHOSPHATE"
3 non-polymer 'CALCIUM ION'
4 water water
#
_entity_poly.entity_id   1
_entity_poly.type   'polypeptide(L)'
_entity_poly.pdbx_seq_one_letter_code
;MHHHHHHSSGVDLGTENLYFQSNAMLDPLDILTNIDDVLPYYQAIFSAEEQKVVGYEVLGRILADSEIQSLGPFFLDAGI
PEEYKLEVDNRIIRQALDRFLEADSDLLIFMNQDANLLMLDHGESFLELLKEYEAKGIELHRFVLEITEHNFEGDIEQLY
HMLAYYRTYGIKIAVDNIGKESSNLDRIALLSPDLLKIDLQALKVSQPSPSYEHVLYSISLLARKIGAALLYEDIEANFQ
LQYAWRNGGRYFQGYYLVSPSETFLERDVLKQRLKTEFHQFITHEKKKLETVYEHSEQFYKRVHQAVTSLRKNNLSSDDD
FIKKLAEELTDCSFRIYMCDEEGDQLTGNVFKQDGEWIYQPEYAEKNWSWRPYFLENIMRMRNLRKGFFSDLYSDLETGE
MIRTFSYPMDDQMYLFIDLPYSYLYEQDGLI
;
_entity_poly.pdbx_strand_id   A,B
#
# COMPACT_ATOMS: atom_id res chain seq x y z
N LEU A 26 -3.46 22.34 35.00
CA LEU A 26 -2.67 21.64 36.06
C LEU A 26 -1.16 21.74 35.84
N ASP A 27 -0.49 22.34 36.81
CA ASP A 27 0.96 22.46 36.83
C ASP A 27 1.54 21.09 37.15
N PRO A 28 2.75 20.78 36.65
CA PRO A 28 3.31 19.44 36.92
C PRO A 28 3.62 19.24 38.39
N LEU A 29 3.99 20.31 39.07
CA LEU A 29 4.26 20.23 40.50
C LEU A 29 3.01 19.74 41.23
N ASP A 30 1.83 20.19 40.81
CA ASP A 30 0.54 19.79 41.41
C ASP A 30 0.39 18.28 41.45
N ILE A 31 0.87 17.65 40.39
CA ILE A 31 0.68 16.22 40.22
C ILE A 31 1.63 15.45 41.12
N LEU A 32 2.90 15.78 41.05
CA LEU A 32 3.89 15.06 41.83
C LEU A 32 3.61 15.21 43.32
N THR A 33 3.11 16.38 43.72
CA THR A 33 2.78 16.66 45.12
C THR A 33 1.61 15.80 45.62
N ASN A 34 0.69 15.45 44.73
CA ASN A 34 -0.49 14.68 45.11
C ASN A 34 -0.57 13.38 44.31
N ILE A 35 0.57 12.71 44.26
CA ILE A 35 0.75 11.48 43.51
C ILE A 35 -0.21 10.35 43.98
N ASP A 36 -0.66 10.42 45.23
CA ASP A 36 -1.62 9.44 45.78
C ASP A 36 -3.04 9.60 45.27
N ASP A 37 -3.34 10.75 44.66
CA ASP A 37 -4.65 11.00 44.03
C ASP A 37 -4.72 10.48 42.57
N VAL A 38 -3.61 10.00 42.02
CA VAL A 38 -3.59 9.58 40.61
C VAL A 38 -4.23 8.20 40.45
N LEU A 39 -4.92 8.02 39.33
CA LEU A 39 -5.71 6.81 39.05
C LEU A 39 -5.82 6.51 37.55
N PRO A 40 -5.89 5.22 37.20
CA PRO A 40 -6.22 4.91 35.82
C PRO A 40 -7.72 5.04 35.51
N TYR A 41 -8.02 5.59 34.34
CA TYR A 41 -9.29 5.37 33.68
C TYR A 41 -9.01 4.34 32.60
N TYR A 42 -10.08 3.79 32.00
CA TYR A 42 -9.95 2.76 30.97
C TYR A 42 -10.88 2.99 29.78
N GLN A 43 -10.37 2.84 28.54
CA GLN A 43 -11.28 2.82 27.37
C GLN A 43 -11.31 1.44 26.74
N ALA A 44 -12.53 0.92 26.61
CA ALA A 44 -12.76 -0.39 26.02
C ALA A 44 -12.51 -0.38 24.51
N ILE A 45 -12.08 -1.55 24.03
CA ILE A 45 -11.83 -1.78 22.63
C ILE A 45 -12.70 -2.95 22.19
N PHE A 46 -13.32 -2.83 21.03
CA PHE A 46 -14.36 -3.77 20.61
C PHE A 46 -13.95 -4.54 19.37
N SER A 47 -14.28 -5.83 19.36
CA SER A 47 -13.96 -6.71 18.22
C SER A 47 -15.03 -6.66 17.14
N ALA A 48 -14.60 -6.76 15.87
CA ALA A 48 -15.53 -6.91 14.75
C ALA A 48 -16.15 -8.30 14.70
N GLU A 49 -15.45 -9.30 15.21
CA GLU A 49 -15.93 -10.69 15.15
C GLU A 49 -17.13 -10.88 16.06
N GLU A 50 -16.89 -10.68 17.35
CA GLU A 50 -17.89 -10.98 18.36
C GLU A 50 -18.58 -9.73 18.89
N GLN A 51 -18.31 -8.58 18.27
CA GLN A 51 -18.84 -7.28 18.73
C GLN A 51 -18.81 -7.13 20.26
N LYS A 52 -17.68 -7.52 20.85
CA LYS A 52 -17.53 -7.52 22.31
C LYS A 52 -16.23 -6.86 22.75
N VAL A 53 -16.18 -6.53 24.03
CA VAL A 53 -15.03 -5.87 24.64
C VAL A 53 -13.87 -6.85 24.68
N VAL A 54 -12.83 -6.57 23.93
CA VAL A 54 -11.69 -7.47 23.85
C VAL A 54 -10.57 -7.12 24.85
N GLY A 55 -10.63 -5.91 25.40
CA GLY A 55 -9.57 -5.39 26.27
C GLY A 55 -9.76 -3.89 26.50
N TYR A 56 -8.81 -3.25 27.16
CA TYR A 56 -8.89 -1.80 27.42
C TYR A 56 -7.54 -1.11 27.25
N GLU A 57 -7.59 0.18 26.90
CA GLU A 57 -6.40 1.04 26.90
C GLU A 57 -6.37 1.74 28.23
N VAL A 58 -5.20 1.73 28.87
CA VAL A 58 -4.99 2.39 30.13
C VAL A 58 -4.65 3.85 29.86
N LEU A 59 -5.44 4.74 30.46
CA LEU A 59 -5.28 6.19 30.33
C LEU A 59 -5.05 6.79 31.73
N GLY A 60 -4.39 7.95 31.78
CA GLY A 60 -3.88 8.49 33.04
C GLY A 60 -4.66 9.69 33.54
N ARG A 61 -5.13 9.61 34.78
CA ARG A 61 -6.00 10.63 35.34
C ARG A 61 -5.59 10.96 36.77
N ILE A 62 -5.95 12.16 37.22
CA ILE A 62 -5.70 12.60 38.58
C ILE A 62 -6.94 13.28 39.16
N LEU A 63 -7.20 13.03 40.44
CA LEU A 63 -8.30 13.70 41.15
C LEU A 63 -7.78 14.98 41.77
N ALA A 64 -8.00 16.09 41.08
CA ALA A 64 -7.62 17.41 41.56
C ALA A 64 -8.87 18.24 41.75
N ASP A 65 -9.07 18.70 42.99
CA ASP A 65 -10.07 19.71 43.33
C ASP A 65 -11.47 19.30 42.91
N SER A 66 -11.95 18.21 43.51
CA SER A 66 -13.29 17.69 43.26
C SER A 66 -13.53 17.45 41.77
N GLU A 67 -12.51 16.96 41.07
CA GLU A 67 -12.59 16.77 39.64
C GLU A 67 -11.50 15.87 39.08
N ILE A 68 -11.77 15.32 37.90
CA ILE A 68 -10.90 14.35 37.23
C ILE A 68 -10.39 14.93 35.92
N GLN A 69 -9.07 14.97 35.75
CA GLN A 69 -8.42 15.57 34.58
C GLN A 69 -7.30 14.68 34.05
N SER A 70 -7.01 14.79 32.75
CA SER A 70 -6.02 13.93 32.11
C SER A 70 -4.58 14.32 32.44
N LEU A 71 -3.73 13.29 32.61
CA LEU A 71 -2.28 13.47 32.68
C LEU A 71 -1.61 13.46 31.29
N GLY A 72 -2.40 13.60 30.23
CA GLY A 72 -1.87 13.68 28.89
C GLY A 72 -0.83 14.76 28.72
N PRO A 73 -1.24 16.01 28.88
CA PRO A 73 -0.32 17.14 28.82
C PRO A 73 0.96 16.89 29.61
N PHE A 74 0.81 16.29 30.78
CA PHE A 74 1.94 15.95 31.65
C PHE A 74 2.89 14.93 31.01
N PHE A 75 2.36 13.86 30.42
CA PHE A 75 3.22 12.87 29.75
C PHE A 75 3.80 13.37 28.44
N LEU A 76 3.13 14.31 27.80
CA LEU A 76 3.56 14.85 26.53
C LEU A 76 4.53 16.02 26.67
N ASP A 77 4.64 16.58 27.87
CA ASP A 77 5.49 17.75 28.11
C ASP A 77 6.96 17.34 28.05
N ALA A 78 7.70 17.92 27.10
CA ALA A 78 9.12 17.60 26.93
C ALA A 78 9.99 18.25 28.01
N GLY A 79 9.48 19.28 28.67
CA GLY A 79 10.21 19.98 29.73
C GLY A 79 10.39 19.18 31.03
N ILE A 80 9.49 18.25 31.28
CA ILE A 80 9.48 17.52 32.54
C ILE A 80 10.49 16.37 32.50
N PRO A 81 11.37 16.27 33.50
CA PRO A 81 12.36 15.21 33.59
C PRO A 81 11.75 13.83 33.57
N GLU A 82 12.50 12.90 32.99
CA GLU A 82 11.98 11.58 32.66
C GLU A 82 11.68 10.75 33.88
N GLU A 83 12.42 11.00 34.95
CA GLU A 83 12.25 10.21 36.16
C GLU A 83 10.84 10.40 36.71
N TYR A 84 10.36 11.65 36.68
CA TYR A 84 9.04 12.00 37.25
C TYR A 84 7.89 11.50 36.37
N LYS A 85 8.13 11.38 35.07
CA LYS A 85 7.15 10.73 34.19
C LYS A 85 7.04 9.24 34.52
N LEU A 86 8.18 8.58 34.68
CA LEU A 86 8.20 7.16 35.05
C LEU A 86 7.66 6.91 36.47
N GLU A 87 7.92 7.85 37.38
CA GLU A 87 7.39 7.81 38.74
C GLU A 87 5.87 7.73 38.77
N VAL A 88 5.23 8.55 37.95
CA VAL A 88 3.78 8.61 37.90
C VAL A 88 3.26 7.46 37.09
N ASP A 89 3.83 7.32 35.90
CA ASP A 89 3.52 6.20 35.01
C ASP A 89 3.35 4.91 35.83
N ASN A 90 4.29 4.71 36.76
CA ASN A 90 4.32 3.51 37.58
C ASN A 90 3.07 3.38 38.45
N ARG A 91 2.75 4.46 39.15
CA ARG A 91 1.55 4.51 40.00
C ARG A 91 0.29 4.08 39.27
N ILE A 92 0.20 4.45 38.00
CA ILE A 92 -0.98 4.16 37.20
C ILE A 92 -0.99 2.72 36.74
N ILE A 93 0.13 2.26 36.18
CA ILE A 93 0.26 0.86 35.72
C ILE A 93 0.00 -0.15 36.86
N ARG A 94 0.60 0.09 38.02
CA ARG A 94 0.37 -0.79 39.16
C ARG A 94 -1.12 -0.86 39.49
N GLN A 95 -1.75 0.30 39.59
CA GLN A 95 -3.19 0.32 39.86
C GLN A 95 -3.97 -0.40 38.75
N ALA A 96 -3.63 -0.10 37.50
CA ALA A 96 -4.28 -0.71 36.36
C ALA A 96 -4.13 -2.23 36.39
N LEU A 97 -2.90 -2.71 36.51
CA LEU A 97 -2.64 -4.15 36.51
C LEU A 97 -3.16 -4.85 37.75
N ASP A 98 -3.22 -4.14 38.87
CA ASP A 98 -3.87 -4.68 40.06
C ASP A 98 -5.33 -4.98 39.74
N ARG A 99 -5.94 -4.09 38.96
CA ARG A 99 -7.33 -4.20 38.58
C ARG A 99 -7.53 -5.40 37.66
N PHE A 100 -6.62 -5.56 36.70
CA PHE A 100 -6.74 -6.63 35.70
C PHE A 100 -6.62 -8.01 36.31
N LEU A 101 -5.85 -8.12 37.38
CA LEU A 101 -5.72 -9.39 38.11
C LEU A 101 -7.08 -9.96 38.50
N GLU A 102 -8.06 -9.06 38.69
CA GLU A 102 -9.37 -9.45 39.17
C GLU A 102 -10.43 -9.52 38.08
N ALA A 103 -10.16 -8.92 36.92
CA ALA A 103 -11.12 -8.96 35.81
C ALA A 103 -11.06 -10.31 35.07
N ASP A 104 -11.66 -10.38 33.88
CA ASP A 104 -11.58 -11.58 33.07
C ASP A 104 -10.14 -11.85 32.64
N SER A 105 -9.81 -13.14 32.53
CA SER A 105 -8.43 -13.58 32.33
C SER A 105 -7.91 -13.40 30.91
N ASP A 106 -8.80 -13.23 29.95
CA ASP A 106 -8.42 -13.15 28.54
C ASP A 106 -8.35 -11.72 28.00
N LEU A 107 -8.64 -10.75 28.87
CA LEU A 107 -8.64 -9.35 28.46
C LEU A 107 -7.27 -8.88 28.01
N LEU A 108 -7.24 -8.12 26.92
CA LEU A 108 -6.00 -7.46 26.50
C LEU A 108 -5.76 -6.16 27.25
N ILE A 109 -4.49 -5.88 27.54
CA ILE A 109 -4.08 -4.70 28.31
C ILE A 109 -3.20 -3.82 27.41
N PHE A 110 -3.82 -2.78 26.86
CA PHE A 110 -3.14 -1.82 25.98
C PHE A 110 -2.50 -0.72 26.80
N MET A 111 -1.22 -0.48 26.55
CA MET A 111 -0.48 0.47 27.37
C MET A 111 0.38 1.36 26.52
N ASN A 112 0.27 2.66 26.77
CA ASN A 112 1.06 3.65 26.09
C ASN A 112 2.47 3.67 26.65
N GLN A 113 3.45 3.56 25.77
CA GLN A 113 4.84 3.61 26.14
C GLN A 113 5.65 4.34 25.08
N ASP A 114 6.32 5.41 25.49
CA ASP A 114 7.27 6.14 24.65
C ASP A 114 8.49 5.26 24.38
N ALA A 115 8.89 5.19 23.10
CA ALA A 115 10.08 4.46 22.69
C ALA A 115 11.34 4.94 23.41
N ASN A 116 11.56 6.25 23.40
CA ASN A 116 12.79 6.82 23.95
C ASN A 116 12.98 6.57 25.47
N LEU A 117 11.91 6.75 26.24
CA LEU A 117 11.96 6.50 27.69
C LEU A 117 12.12 5.02 27.97
N LEU A 118 11.52 4.19 27.12
CA LEU A 118 11.64 2.74 27.23
C LEU A 118 13.05 2.32 26.85
N MET A 119 13.68 3.09 25.97
CA MET A 119 15.00 2.76 25.46
C MET A 119 16.14 3.29 26.35
N LEU A 120 15.79 4.05 27.38
CA LEU A 120 16.79 4.56 28.33
C LEU A 120 17.55 3.41 29.01
N ASP A 121 16.89 2.28 29.23
CA ASP A 121 17.53 1.08 29.78
C ASP A 121 17.19 -0.15 28.95
N HIS A 122 17.09 0.03 27.64
CA HIS A 122 16.72 -1.06 26.74
C HIS A 122 15.53 -1.87 27.27
N GLY A 123 14.56 -1.17 27.88
CA GLY A 123 13.31 -1.78 28.32
C GLY A 123 13.42 -2.77 29.44
N GLU A 124 14.59 -2.82 30.08
CA GLU A 124 14.90 -3.82 31.10
C GLU A 124 13.93 -3.70 32.27
N SER A 125 13.82 -2.49 32.83
CA SER A 125 13.00 -2.27 34.02
C SER A 125 11.54 -2.52 33.73
N PHE A 126 11.05 -2.00 32.62
CA PHE A 126 9.65 -2.18 32.30
C PHE A 126 9.31 -3.66 32.25
N LEU A 127 10.10 -4.44 31.51
CA LEU A 127 9.86 -5.89 31.37
C LEU A 127 9.82 -6.61 32.73
N GLU A 128 10.68 -6.20 33.64
CA GLU A 128 10.67 -6.79 34.97
C GLU A 128 9.35 -6.51 35.67
N LEU A 129 8.81 -5.31 35.46
CA LEU A 129 7.50 -4.97 35.98
C LEU A 129 6.43 -5.87 35.39
N LEU A 130 6.53 -6.14 34.09
CA LEU A 130 5.58 -7.04 33.45
C LEU A 130 5.77 -8.44 34.02
N LYS A 131 7.02 -8.89 34.06
CA LYS A 131 7.37 -10.22 34.57
C LYS A 131 6.78 -10.48 35.95
N GLU A 132 6.81 -9.46 36.78
CA GLU A 132 6.28 -9.51 38.14
C GLU A 132 4.81 -9.94 38.14
N TYR A 133 4.03 -9.34 37.25
CA TYR A 133 2.59 -9.60 37.16
C TYR A 133 2.23 -10.91 36.47
N GLU A 134 3.17 -11.47 35.72
CA GLU A 134 3.00 -12.83 35.21
C GLU A 134 2.90 -13.79 36.40
N ALA A 135 3.83 -13.65 37.33
CA ALA A 135 3.80 -14.43 38.57
C ALA A 135 2.46 -14.27 39.30
N LYS A 136 1.99 -13.03 39.37
CA LYS A 136 0.74 -12.73 40.04
C LYS A 136 -0.50 -13.11 39.21
N GLY A 137 -0.31 -13.41 37.92
CA GLY A 137 -1.33 -14.13 37.15
C GLY A 137 -1.80 -13.55 35.84
N ILE A 138 -1.02 -12.64 35.22
CA ILE A 138 -1.36 -12.04 33.93
C ILE A 138 -0.37 -12.53 32.86
N GLU A 139 -0.61 -13.71 32.32
CA GLU A 139 0.26 -14.22 31.27
C GLU A 139 0.60 -13.09 30.30
N LEU A 140 1.83 -13.11 29.80
CA LEU A 140 2.44 -12.00 29.07
C LEU A 140 1.84 -11.69 27.71
N HIS A 141 1.10 -12.63 27.14
CA HIS A 141 0.55 -12.45 25.79
C HIS A 141 -0.73 -11.59 25.78
N ARG A 142 -1.13 -11.10 26.95
CA ARG A 142 -2.26 -10.22 27.05
C ARG A 142 -1.81 -8.77 27.02
N PHE A 143 -0.51 -8.53 26.92
CA PHE A 143 0.02 -7.16 26.96
C PHE A 143 0.22 -6.61 25.57
N VAL A 144 -0.47 -5.50 25.29
CA VAL A 144 -0.25 -4.77 24.05
C VAL A 144 0.39 -3.45 24.43
N LEU A 145 1.42 -3.09 23.66
CA LEU A 145 2.33 -2.03 24.01
C LEU A 145 2.24 -1.00 22.88
N GLU A 146 1.59 0.13 23.15
CA GLU A 146 1.40 1.13 22.12
C GLU A 146 2.63 2.00 21.98
N ILE A 147 3.39 1.78 20.91
CA ILE A 147 4.64 2.51 20.65
C ILE A 147 4.42 3.50 19.53
N THR A 148 5.05 4.67 19.60
CA THR A 148 4.98 5.65 18.52
C THR A 148 6.35 5.80 17.85
N GLU A 149 6.51 5.24 16.64
CA GLU A 149 7.83 5.03 16.08
C GLU A 149 8.45 6.34 15.60
N HIS A 150 7.63 7.25 15.07
CA HIS A 150 8.18 8.49 14.48
C HIS A 150 8.67 9.47 15.52
N ASN A 151 8.27 9.28 16.78
CA ASN A 151 8.83 10.04 17.89
C ASN A 151 10.23 9.57 18.32
N PHE A 152 10.62 8.37 17.91
CA PHE A 152 11.91 7.81 18.32
C PHE A 152 13.03 8.55 17.61
N GLU A 153 14.07 8.93 18.35
CA GLU A 153 15.25 9.58 17.73
C GLU A 153 16.54 8.77 17.86
N GLY A 154 16.47 7.65 18.58
CA GLY A 154 17.59 6.73 18.64
C GLY A 154 17.73 5.94 17.37
N ASP A 155 18.69 5.01 17.37
CA ASP A 155 18.89 4.13 16.22
C ASP A 155 17.74 3.13 16.13
N ILE A 156 16.96 3.25 15.07
CA ILE A 156 15.74 2.47 14.87
C ILE A 156 15.97 0.97 14.98
N GLU A 157 17.11 0.51 14.45
CA GLU A 157 17.38 -0.93 14.32
C GLU A 157 17.61 -1.55 15.71
N GLN A 158 18.01 -0.69 16.66
CA GLN A 158 18.17 -1.04 18.07
C GLN A 158 16.82 -1.13 18.80
N LEU A 159 15.95 -0.17 18.54
CA LEU A 159 14.59 -0.26 19.04
C LEU A 159 13.89 -1.51 18.50
N TYR A 160 14.06 -1.76 17.20
CA TYR A 160 13.51 -2.95 16.54
C TYR A 160 14.06 -4.20 17.18
N HIS A 161 15.34 -4.11 17.57
CA HIS A 161 16.07 -5.21 18.20
C HIS A 161 15.41 -5.56 19.52
N MET A 162 15.19 -4.54 20.34
CA MET A 162 14.62 -4.71 21.68
C MET A 162 13.20 -5.29 21.68
N LEU A 163 12.32 -4.72 20.84
CA LEU A 163 10.96 -5.21 20.77
C LEU A 163 10.90 -6.68 20.40
N ALA A 164 11.85 -7.15 19.58
CA ALA A 164 12.00 -8.59 19.31
C ALA A 164 12.07 -9.36 20.63
N TYR A 165 12.95 -8.94 21.51
CA TYR A 165 13.08 -9.55 22.83
C TYR A 165 11.72 -9.64 23.52
N TYR A 166 11.04 -8.51 23.58
CA TYR A 166 9.70 -8.44 24.17
C TYR A 166 8.76 -9.49 23.60
N ARG A 167 8.69 -9.56 22.26
CA ARG A 167 7.82 -10.52 21.58
C ARG A 167 8.07 -11.97 21.95
N THR A 168 9.33 -12.33 22.17
CA THR A 168 9.69 -13.70 22.52
C THR A 168 9.15 -14.13 23.90
N TYR A 169 8.51 -13.20 24.62
CA TYR A 169 7.70 -13.55 25.78
C TYR A 169 6.20 -13.58 25.46
N GLY A 170 5.85 -13.29 24.20
CA GLY A 170 4.45 -13.22 23.76
C GLY A 170 3.86 -11.81 23.81
N ILE A 171 4.67 -10.85 24.21
CA ILE A 171 4.21 -9.48 24.33
C ILE A 171 3.85 -8.95 22.94
N LYS A 172 2.72 -8.25 22.86
CA LYS A 172 2.22 -7.75 21.58
C LYS A 172 2.64 -6.32 21.39
N ILE A 173 2.82 -5.92 20.13
CA ILE A 173 3.26 -4.58 19.79
C ILE A 173 2.29 -3.91 18.84
N ALA A 174 1.91 -2.68 19.20
CA ALA A 174 1.01 -1.88 18.43
C ALA A 174 1.73 -0.59 18.13
N VAL A 175 1.71 -0.16 16.87
CA VAL A 175 2.25 1.15 16.48
C VAL A 175 1.14 2.23 16.35
N ASP A 176 1.44 3.43 16.81
CA ASP A 176 0.52 4.57 16.89
C ASP A 176 0.64 5.50 15.70
N ASN A 177 -0.32 6.41 15.57
CA ASN A 177 -0.32 7.41 14.51
C ASN A 177 0.12 6.83 13.18
N ILE A 178 -0.35 5.62 12.89
CA ILE A 178 -0.15 5.04 11.58
C ILE A 178 -1.11 5.77 10.69
N GLY A 179 -0.75 5.92 9.43
CA GLY A 179 -1.64 6.54 8.44
C GLY A 179 -1.21 7.95 8.08
N LYS A 180 -0.89 8.75 9.08
CA LYS A 180 -0.60 10.15 8.87
C LYS A 180 0.83 10.39 9.31
N GLU A 181 1.01 10.45 10.61
CA GLU A 181 2.22 10.98 11.20
C GLU A 181 3.32 9.94 10.98
N SER A 182 2.96 8.67 11.14
CA SER A 182 3.84 7.56 10.85
C SER A 182 3.29 6.88 9.61
N SER A 183 3.95 7.03 8.48
CA SER A 183 3.49 6.35 7.27
C SER A 183 4.69 5.92 6.41
N ASN A 184 5.36 4.89 6.94
CA ASN A 184 6.58 4.36 6.39
C ASN A 184 6.43 2.87 6.24
N LEU A 185 6.02 2.47 5.05
CA LEU A 185 5.87 1.08 4.71
C LEU A 185 7.14 0.27 5.01
N ASP A 186 8.30 0.93 5.06
CA ASP A 186 9.55 0.23 5.35
C ASP A 186 9.57 -0.10 6.83
N ARG A 187 9.49 0.91 7.67
CA ARG A 187 9.51 0.66 9.08
C ARG A 187 8.44 -0.34 9.52
N ILE A 188 7.21 -0.13 9.07
CA ILE A 188 6.11 -1.06 9.37
C ILE A 188 6.51 -2.49 9.02
N ALA A 189 7.11 -2.65 7.84
CA ALA A 189 7.53 -3.96 7.39
C ALA A 189 8.67 -4.50 8.24
N LEU A 190 9.40 -3.61 8.91
CA LEU A 190 10.56 -4.05 9.69
C LEU A 190 10.19 -4.40 11.13
N LEU A 191 9.52 -3.50 11.82
CA LEU A 191 9.07 -3.74 13.20
C LEU A 191 8.06 -4.90 13.25
N SER A 192 7.43 -5.17 12.10
CA SER A 192 6.57 -6.32 11.92
C SER A 192 5.58 -6.43 13.09
N PRO A 193 4.85 -5.34 13.36
CA PRO A 193 3.99 -5.24 14.50
C PRO A 193 2.80 -6.16 14.44
N ASP A 194 2.15 -6.31 15.59
CA ASP A 194 0.97 -7.14 15.70
C ASP A 194 -0.26 -6.34 15.38
N LEU A 195 -0.17 -5.03 15.59
CA LEU A 195 -1.29 -4.14 15.38
C LEU A 195 -0.87 -2.82 14.81
N LEU A 196 -1.74 -2.25 13.98
CA LEU A 196 -1.59 -0.88 13.53
C LEU A 196 -2.77 -0.07 14.09
N LYS A 197 -2.48 1.05 14.74
CA LYS A 197 -3.52 1.94 15.25
C LYS A 197 -3.66 3.12 14.34
N ILE A 198 -4.83 3.24 13.72
CA ILE A 198 -5.12 4.30 12.77
C ILE A 198 -6.21 5.17 13.34
N ASP A 199 -5.98 6.48 13.39
CA ASP A 199 -6.99 7.35 13.94
C ASP A 199 -7.72 8.09 12.82
N LEU A 200 -9.00 8.33 13.06
CA LEU A 200 -9.88 8.74 12.01
C LEU A 200 -10.41 10.17 12.20
N GLN A 201 -9.72 10.96 13.03
CA GLN A 201 -9.99 12.39 13.05
C GLN A 201 -9.70 12.95 11.65
N ALA A 202 -8.72 12.31 11.01
CA ALA A 202 -8.36 12.57 9.62
C ALA A 202 -9.57 12.57 8.66
N LEU A 203 -10.71 12.09 9.14
CA LEU A 203 -11.93 11.95 8.34
C LEU A 203 -13.07 12.80 8.89
N SER A 209 -11.77 9.71 -3.45
CA SER A 209 -11.10 9.59 -2.16
C SER A 209 -9.82 10.45 -2.15
N PRO A 210 -9.45 10.99 -0.97
CA PRO A 210 -8.21 11.75 -0.97
C PRO A 210 -6.96 10.86 -0.97
N SER A 211 -5.82 11.52 -1.11
CA SER A 211 -4.51 10.93 -0.88
C SER A 211 -4.54 10.05 0.36
N TYR A 212 -5.14 10.58 1.42
CA TYR A 212 -5.16 9.93 2.71
C TYR A 212 -5.84 8.56 2.69
N GLU A 213 -6.89 8.42 1.90
CA GLU A 213 -7.67 7.19 1.86
C GLU A 213 -6.93 6.10 1.06
N HIS A 214 -6.23 6.54 0.02
CA HIS A 214 -5.35 5.66 -0.76
C HIS A 214 -4.12 5.22 0.02
N VAL A 215 -3.65 6.02 0.97
CA VAL A 215 -2.44 5.64 1.70
C VAL A 215 -2.78 4.57 2.74
N LEU A 216 -4.02 4.63 3.27
CA LEU A 216 -4.48 3.64 4.24
C LEU A 216 -4.72 2.34 3.51
N TYR A 217 -5.27 2.46 2.31
CA TYR A 217 -5.32 1.34 1.38
C TYR A 217 -3.98 0.62 1.31
N SER A 218 -2.93 1.31 0.86
CA SER A 218 -1.65 0.61 0.71
C SER A 218 -1.11 0.03 2.03
N ILE A 219 -1.37 0.69 3.14
CA ILE A 219 -1.04 0.13 4.43
C ILE A 219 -1.91 -1.08 4.75
N SER A 220 -3.18 -1.00 4.37
CA SER A 220 -4.09 -2.12 4.59
C SER A 220 -3.55 -3.34 3.82
N LEU A 221 -3.33 -3.16 2.53
CA LEU A 221 -2.79 -4.24 1.70
C LEU A 221 -1.59 -4.88 2.34
N LEU A 222 -0.68 -4.05 2.84
CA LEU A 222 0.48 -4.56 3.55
C LEU A 222 0.11 -5.24 4.86
N ALA A 223 -0.85 -4.68 5.62
CA ALA A 223 -1.14 -5.19 6.97
C ALA A 223 -1.57 -6.65 6.85
N ARG A 224 -2.25 -6.99 5.76
CA ARG A 224 -2.74 -8.34 5.57
C ARG A 224 -1.62 -9.23 5.09
N LYS A 225 -0.66 -8.66 4.39
CA LYS A 225 0.48 -9.45 3.96
C LYS A 225 1.48 -9.73 5.09
N ILE A 226 1.71 -8.76 5.99
CA ILE A 226 2.70 -8.96 7.05
C ILE A 226 2.05 -9.55 8.30
N GLY A 227 0.72 -9.55 8.34
CA GLY A 227 -0.02 -10.10 9.49
C GLY A 227 -0.26 -9.19 10.67
N ALA A 228 -0.59 -7.93 10.42
CA ALA A 228 -0.87 -6.95 11.46
C ALA A 228 -2.33 -6.56 11.42
N ALA A 229 -3.04 -6.69 12.54
CA ALA A 229 -4.46 -6.40 12.57
C ALA A 229 -4.66 -4.89 12.63
N LEU A 230 -5.74 -4.39 12.04
CA LEU A 230 -5.99 -2.96 12.10
C LEU A 230 -6.89 -2.63 13.26
N LEU A 231 -6.46 -1.64 14.05
CA LEU A 231 -7.27 -1.05 15.08
C LEU A 231 -7.53 0.40 14.73
N TYR A 232 -8.79 0.74 14.45
CA TYR A 232 -9.17 2.14 14.25
C TYR A 232 -9.54 2.79 15.57
N GLU A 233 -9.06 4.02 15.79
CA GLU A 233 -9.36 4.79 17.01
C GLU A 233 -9.88 6.20 16.72
N ASP A 234 -10.26 6.91 17.78
CA ASP A 234 -10.81 8.27 17.67
C ASP A 234 -12.05 8.31 16.76
N ILE A 235 -12.83 7.24 16.83
CA ILE A 235 -14.09 7.13 16.11
C ILE A 235 -15.16 7.91 16.84
N GLU A 236 -15.49 9.09 16.33
CA GLU A 236 -16.47 9.98 16.97
C GLU A 236 -17.84 9.93 16.30
N ALA A 237 -17.97 9.27 15.15
CA ALA A 237 -19.27 9.21 14.42
C ALA A 237 -19.47 7.90 13.64
N ASN A 238 -20.69 7.70 13.17
CA ASN A 238 -21.07 6.43 12.51
C ASN A 238 -20.30 6.18 11.23
N PHE A 239 -20.29 7.17 10.34
CA PHE A 239 -19.58 7.04 9.07
C PHE A 239 -18.12 6.67 9.30
N GLN A 240 -17.53 7.16 10.39
CA GLN A 240 -16.16 6.78 10.73
C GLN A 240 -16.04 5.27 11.06
N LEU A 241 -17.03 4.76 11.78
CA LEU A 241 -17.06 3.35 12.12
C LEU A 241 -17.20 2.51 10.86
N GLN A 242 -18.02 2.98 9.92
CA GLN A 242 -18.22 2.27 8.66
C GLN A 242 -16.95 2.25 7.83
N TYR A 243 -16.29 3.41 7.73
CA TYR A 243 -14.96 3.48 7.09
C TYR A 243 -14.05 2.46 7.71
N ALA A 244 -14.06 2.39 9.05
CA ALA A 244 -13.19 1.45 9.78
C ALA A 244 -13.51 0.03 9.36
N TRP A 245 -14.79 -0.30 9.45
CA TRP A 245 -15.26 -1.65 9.17
C TRP A 245 -14.88 -2.13 7.78
N ARG A 246 -15.25 -1.35 6.76
CA ARG A 246 -15.06 -1.77 5.36
C ARG A 246 -13.62 -1.68 4.89
N ASN A 247 -12.76 -1.02 5.65
CA ASN A 247 -11.34 -1.02 5.34
C ASN A 247 -10.55 -1.85 6.33
N GLY A 248 -11.02 -3.07 6.54
CA GLY A 248 -10.22 -4.09 7.24
C GLY A 248 -10.06 -3.97 8.74
N GLY A 249 -10.90 -3.14 9.37
CA GLY A 249 -10.84 -2.92 10.80
C GLY A 249 -11.22 -4.16 11.59
N ARG A 250 -10.29 -4.65 12.39
CA ARG A 250 -10.54 -5.79 13.26
C ARG A 250 -11.03 -5.35 14.64
N TYR A 251 -10.47 -4.24 15.12
CA TYR A 251 -10.80 -3.69 16.43
C TYR A 251 -11.18 -2.21 16.31
N PHE A 252 -11.90 -1.71 17.30
CA PHE A 252 -12.47 -0.35 17.24
C PHE A 252 -12.49 0.39 18.59
N GLN A 253 -12.33 1.70 18.51
CA GLN A 253 -12.20 2.54 19.69
C GLN A 253 -12.63 3.97 19.38
N GLY A 254 -13.25 4.60 20.36
CA GLY A 254 -13.70 5.98 20.22
C GLY A 254 -14.81 6.29 21.18
N TYR A 255 -15.12 7.58 21.29
CA TYR A 255 -16.22 8.05 22.13
C TYR A 255 -17.52 7.49 21.60
N TYR A 256 -17.64 7.40 20.30
CA TYR A 256 -18.85 6.86 19.68
C TYR A 256 -19.13 5.44 20.15
N LEU A 257 -18.08 4.70 20.53
CA LEU A 257 -18.29 3.40 21.12
C LEU A 257 -18.58 3.58 22.62
N VAL A 258 -17.53 3.79 23.40
CA VAL A 258 -17.66 4.07 24.83
C VAL A 258 -16.50 4.97 25.22
N SER A 259 -16.81 5.97 26.05
CA SER A 259 -15.78 6.90 26.52
C SER A 259 -14.99 6.25 27.66
N PRO A 260 -13.77 6.74 27.91
CA PRO A 260 -13.01 6.19 29.04
C PRO A 260 -13.77 6.37 30.34
N SER A 261 -13.62 5.41 31.26
CA SER A 261 -14.28 5.46 32.58
C SER A 261 -13.41 4.75 33.60
N GLU A 262 -13.71 4.94 34.90
CA GLU A 262 -12.81 4.48 35.95
C GLU A 262 -13.01 3.01 36.29
N THR A 263 -14.02 2.40 35.67
CA THR A 263 -14.26 0.98 35.86
C THR A 263 -14.54 0.28 34.54
N PHE A 264 -14.51 -1.04 34.64
CA PHE A 264 -14.72 -1.93 33.51
C PHE A 264 -16.21 -2.00 33.17
N LEU A 265 -16.51 -2.56 32.00
CA LEU A 265 -17.88 -2.70 31.54
C LEU A 265 -18.17 -4.16 31.28
N GLU A 266 -19.45 -4.51 31.25
CA GLU A 266 -19.86 -5.85 30.90
C GLU A 266 -19.37 -6.14 29.47
N ARG A 267 -18.79 -7.31 29.26
CA ARG A 267 -18.08 -7.60 28.00
C ARG A 267 -18.93 -7.50 26.74
N ASP A 268 -20.19 -7.89 26.85
CA ASP A 268 -21.13 -7.79 25.73
C ASP A 268 -22.03 -6.55 25.91
N VAL A 269 -21.44 -5.44 26.37
CA VAL A 269 -22.20 -4.21 26.61
C VAL A 269 -22.84 -3.65 25.35
N LEU A 270 -22.11 -3.70 24.23
CA LEU A 270 -22.57 -3.12 22.98
C LEU A 270 -22.89 -4.18 21.92
N LYS A 271 -23.01 -5.43 22.35
CA LYS A 271 -23.12 -6.52 21.36
C LYS A 271 -24.24 -6.31 20.34
N GLN A 272 -25.47 -6.15 20.83
CA GLN A 272 -26.62 -6.04 19.92
C GLN A 272 -26.57 -4.79 19.05
N ARG A 273 -26.11 -3.69 19.63
CA ARG A 273 -26.00 -2.42 18.91
C ARG A 273 -25.03 -2.52 17.75
N LEU A 274 -23.86 -3.09 18.03
CA LEU A 274 -22.86 -3.34 17.00
C LEU A 274 -23.31 -4.43 16.02
N LYS A 275 -23.97 -5.47 16.50
CA LYS A 275 -24.48 -6.52 15.63
C LYS A 275 -25.37 -5.95 14.56
N THR A 276 -26.24 -5.03 14.96
CA THR A 276 -27.19 -4.44 14.03
C THR A 276 -26.47 -3.40 13.17
N GLU A 277 -25.65 -2.55 13.79
CA GLU A 277 -24.86 -1.56 13.05
C GLU A 277 -23.96 -2.18 11.99
N PHE A 278 -23.47 -3.39 12.26
CA PHE A 278 -22.63 -4.13 11.31
C PHE A 278 -23.47 -4.86 10.27
N HIS A 279 -24.64 -5.34 10.68
CA HIS A 279 -25.55 -5.98 9.72
C HIS A 279 -25.80 -4.99 8.58
N GLN A 280 -26.05 -3.74 8.95
CA GLN A 280 -26.33 -2.70 7.97
C GLN A 280 -25.14 -2.36 7.10
N PHE A 281 -23.92 -2.44 7.62
CA PHE A 281 -22.73 -2.28 6.76
C PHE A 281 -22.64 -3.43 5.75
N ILE A 282 -22.84 -4.66 6.23
CA ILE A 282 -22.77 -5.85 5.37
C ILE A 282 -23.76 -5.75 4.22
N THR A 283 -25.01 -5.42 4.56
CA THR A 283 -26.08 -5.26 3.57
C THR A 283 -25.69 -4.23 2.53
N HIS A 284 -25.21 -3.09 3.01
CA HIS A 284 -24.79 -2.02 2.12
C HIS A 284 -23.74 -2.47 1.11
N GLU A 285 -22.67 -3.07 1.62
CA GLU A 285 -21.56 -3.52 0.76
C GLU A 285 -21.96 -4.61 -0.23
N LYS A 286 -22.88 -5.46 0.19
CA LYS A 286 -23.39 -6.46 -0.74
C LYS A 286 -24.09 -5.77 -1.92
N LYS A 287 -24.50 -4.50 -1.76
CA LYS A 287 -25.26 -3.76 -2.77
C LYS A 287 -24.39 -2.87 -3.67
N LYS A 288 -23.57 -2.00 -3.10
CA LYS A 288 -22.57 -1.23 -3.89
C LYS A 288 -21.77 -2.13 -4.84
N LEU A 289 -21.49 -3.37 -4.40
CA LEU A 289 -20.70 -4.32 -5.17
C LEU A 289 -21.51 -4.94 -6.31
N GLU A 290 -22.77 -5.23 -6.02
CA GLU A 290 -23.69 -5.79 -7.04
C GLU A 290 -23.95 -4.77 -8.12
N THR A 291 -24.23 -3.53 -7.72
CA THR A 291 -24.55 -2.47 -8.66
C THR A 291 -23.45 -2.28 -9.70
N VAL A 292 -22.20 -2.51 -9.30
CA VAL A 292 -21.05 -2.37 -10.21
C VAL A 292 -20.90 -3.60 -11.07
N TYR A 293 -21.14 -4.79 -10.51
CA TYR A 293 -21.06 -6.04 -11.29
C TYR A 293 -22.15 -6.16 -12.31
N GLU A 294 -23.34 -5.69 -11.93
CA GLU A 294 -24.51 -5.63 -12.82
C GLU A 294 -24.15 -4.71 -13.99
N HIS A 295 -23.61 -3.54 -13.65
CA HIS A 295 -23.21 -2.56 -14.66
C HIS A 295 -22.18 -3.15 -15.63
N SER A 296 -21.23 -3.89 -15.09
CA SER A 296 -20.22 -4.55 -15.90
C SER A 296 -20.87 -5.52 -16.90
N GLU A 297 -21.83 -6.30 -16.43
CA GLU A 297 -22.48 -7.29 -17.29
C GLU A 297 -23.08 -6.62 -18.48
N GLN A 298 -23.89 -5.60 -18.27
CA GLN A 298 -24.55 -4.92 -19.37
C GLN A 298 -23.54 -4.30 -20.33
N PHE A 299 -22.49 -3.71 -19.79
CA PHE A 299 -21.46 -3.13 -20.63
C PHE A 299 -20.84 -4.20 -21.56
N TYR A 300 -20.51 -5.36 -20.99
CA TYR A 300 -20.03 -6.50 -21.77
C TYR A 300 -20.98 -6.86 -22.89
N LYS A 301 -22.28 -6.81 -22.62
CA LYS A 301 -23.27 -7.03 -23.69
C LYS A 301 -23.19 -5.96 -24.78
N ARG A 302 -23.23 -4.69 -24.38
CA ARG A 302 -23.06 -3.58 -25.30
C ARG A 302 -21.80 -3.75 -26.15
N VAL A 303 -20.68 -4.04 -25.51
CA VAL A 303 -19.44 -4.23 -26.26
C VAL A 303 -19.48 -5.45 -27.17
N HIS A 304 -20.01 -6.54 -26.65
CA HIS A 304 -20.12 -7.77 -27.46
C HIS A 304 -20.94 -7.56 -28.73
N GLN A 305 -22.11 -6.93 -28.60
CA GLN A 305 -22.95 -6.52 -29.74
C GLN A 305 -22.18 -5.65 -30.72
N ALA A 306 -21.55 -4.59 -30.22
CA ALA A 306 -20.83 -3.65 -31.07
C ALA A 306 -19.71 -4.33 -31.84
N VAL A 307 -18.90 -5.09 -31.12
CA VAL A 307 -17.73 -5.72 -31.71
C VAL A 307 -18.10 -6.73 -32.77
N THR A 308 -19.03 -7.62 -32.47
CA THR A 308 -19.40 -8.69 -33.40
C THR A 308 -20.14 -8.16 -34.65
N SER A 309 -20.89 -7.07 -34.48
CA SER A 309 -21.53 -6.36 -35.58
C SER A 309 -20.48 -5.81 -36.53
N LEU A 310 -19.49 -5.12 -35.98
CA LEU A 310 -18.38 -4.57 -36.74
C LEU A 310 -17.39 -5.61 -37.28
N ARG A 311 -17.26 -6.74 -36.61
CA ARG A 311 -16.26 -7.77 -36.99
C ARG A 311 -16.73 -8.72 -38.09
N LYS A 312 -18.05 -8.87 -38.22
CA LYS A 312 -18.66 -9.73 -39.25
C LYS A 312 -18.79 -8.98 -40.58
N ASN A 313 -18.26 -9.58 -41.64
CA ASN A 313 -18.10 -8.88 -42.92
C ASN A 313 -17.24 -7.60 -42.79
N ASN A 314 -16.00 -7.79 -42.34
CA ASN A 314 -14.97 -6.75 -42.31
C ASN A 314 -13.58 -7.34 -42.62
N LEU A 315 -12.99 -6.92 -43.72
CA LEU A 315 -11.64 -7.31 -44.09
C LEU A 315 -10.71 -6.12 -43.98
N SER A 316 -11.11 -5.16 -43.14
CA SER A 316 -10.32 -3.97 -42.85
C SER A 316 -9.49 -4.21 -41.59
N SER A 317 -8.39 -3.47 -41.43
CA SER A 317 -7.39 -3.79 -40.42
C SER A 317 -7.86 -3.54 -39.00
N ASP A 318 -7.09 -4.02 -38.04
CA ASP A 318 -7.43 -3.85 -36.63
C ASP A 318 -7.47 -2.37 -36.28
N ASP A 319 -6.59 -1.57 -36.86
CA ASP A 319 -6.59 -0.12 -36.60
C ASP A 319 -7.85 0.56 -37.10
N ASP A 320 -8.31 0.20 -38.29
CA ASP A 320 -9.55 0.72 -38.83
C ASP A 320 -10.73 0.33 -37.95
N PHE A 321 -10.69 -0.91 -37.47
CA PHE A 321 -11.75 -1.44 -36.62
C PHE A 321 -11.95 -0.61 -35.35
N ILE A 322 -10.87 -0.34 -34.62
CA ILE A 322 -11.01 0.39 -33.35
C ILE A 322 -11.51 1.82 -33.54
N LYS A 323 -11.29 2.39 -34.71
CA LYS A 323 -11.81 3.71 -35.01
C LYS A 323 -13.32 3.62 -35.04
N LYS A 324 -13.82 2.66 -35.80
CA LYS A 324 -15.25 2.42 -35.96
C LYS A 324 -15.81 2.16 -34.57
N LEU A 325 -15.14 1.33 -33.79
CA LEU A 325 -15.67 1.01 -32.47
C LEU A 325 -15.82 2.25 -31.57
N ALA A 326 -14.85 3.15 -31.63
CA ALA A 326 -14.82 4.31 -30.78
C ALA A 326 -16.01 5.22 -31.10
N GLU A 327 -16.32 5.31 -32.39
CA GLU A 327 -17.52 6.02 -32.82
C GLU A 327 -18.77 5.29 -32.29
N GLU A 328 -18.75 3.97 -32.33
CA GLU A 328 -19.81 3.17 -31.76
C GLU A 328 -20.01 3.49 -30.29
N LEU A 329 -18.91 3.44 -29.54
CA LEU A 329 -18.92 3.59 -28.09
C LEU A 329 -18.58 5.02 -27.66
N THR A 330 -18.83 5.97 -28.55
CA THR A 330 -18.35 7.32 -28.35
C THR A 330 -18.78 7.95 -27.04
N ASP A 331 -19.98 7.61 -26.57
CA ASP A 331 -20.52 8.20 -25.33
C ASP A 331 -19.78 7.78 -24.04
N CYS A 332 -19.06 6.67 -24.05
CA CYS A 332 -18.55 6.08 -22.82
C CYS A 332 -17.05 5.73 -22.79
N SER A 333 -16.40 5.71 -23.95
CA SER A 333 -14.98 5.43 -24.02
C SER A 333 -14.19 6.73 -24.22
N PHE A 334 -12.90 6.68 -23.91
CA PHE A 334 -12.00 7.79 -24.26
C PHE A 334 -10.67 7.32 -24.85
N ARG A 335 -10.36 6.04 -24.70
CA ARG A 335 -9.23 5.44 -25.39
C ARG A 335 -9.55 3.96 -25.68
N ILE A 336 -9.20 3.49 -26.88
CA ILE A 336 -9.37 2.08 -27.22
C ILE A 336 -8.14 1.61 -27.94
N TYR A 337 -7.61 0.48 -27.49
CA TYR A 337 -6.51 -0.19 -28.18
C TYR A 337 -6.60 -1.69 -27.99
N MET A 338 -5.84 -2.42 -28.80
CA MET A 338 -5.76 -3.88 -28.71
C MET A 338 -4.32 -4.33 -28.38
N CYS A 339 -4.21 -5.43 -27.64
CA CYS A 339 -2.92 -6.05 -27.34
C CYS A 339 -2.96 -7.56 -27.61
N ASP A 340 -1.80 -8.19 -27.76
CA ASP A 340 -1.72 -9.65 -27.82
C ASP A 340 -1.52 -10.29 -26.42
N GLU A 341 -1.44 -11.62 -26.37
CA GLU A 341 -1.31 -12.36 -25.09
C GLU A 341 -0.14 -11.92 -24.20
N GLU A 342 0.94 -11.43 -24.80
CA GLU A 342 2.10 -10.97 -23.99
C GLU A 342 2.15 -9.46 -23.74
N GLY A 343 1.04 -8.75 -24.02
CA GLY A 343 0.93 -7.31 -23.73
C GLY A 343 1.44 -6.35 -24.80
N ASP A 344 1.90 -6.85 -25.94
CA ASP A 344 2.34 -5.96 -27.03
C ASP A 344 1.13 -5.34 -27.70
N GLN A 345 1.08 -4.01 -27.71
CA GLN A 345 -0.02 -3.27 -28.33
C GLN A 345 -0.02 -3.51 -29.81
N LEU A 346 -1.08 -4.12 -30.33
CA LEU A 346 -1.19 -4.43 -31.74
C LEU A 346 -1.56 -3.20 -32.60
N THR A 347 -2.50 -2.41 -32.15
CA THR A 347 -2.93 -1.23 -32.90
C THR A 347 -2.26 0.02 -32.34
N GLY A 348 -2.47 1.15 -33.02
CA GLY A 348 -2.19 2.44 -32.41
C GLY A 348 -3.26 2.58 -31.35
N ASN A 349 -3.37 3.80 -30.82
CA ASN A 349 -4.52 4.23 -30.01
C ASN A 349 -5.46 5.05 -30.80
N VAL A 350 -6.75 4.86 -30.54
CA VAL A 350 -7.73 5.92 -30.77
C VAL A 350 -7.98 6.61 -29.40
N PHE A 351 -7.88 7.93 -29.38
CA PHE A 351 -7.97 8.72 -28.15
C PHE A 351 -8.94 9.87 -28.37
N LYS A 352 -9.94 9.96 -27.53
CA LYS A 352 -10.92 11.04 -27.63
C LYS A 352 -10.37 12.24 -26.90
N GLN A 353 -10.39 13.40 -27.57
CA GLN A 353 -9.88 14.64 -27.00
C GLN A 353 -10.75 15.78 -27.43
N ASP A 354 -11.14 16.63 -26.49
CA ASP A 354 -12.00 17.76 -26.82
C ASP A 354 -13.17 17.29 -27.68
N GLY A 355 -13.78 16.16 -27.30
CA GLY A 355 -14.95 15.64 -28.01
C GLY A 355 -14.72 15.14 -29.44
N GLU A 356 -13.44 14.98 -29.82
CA GLU A 356 -13.06 14.48 -31.14
C GLU A 356 -12.08 13.32 -31.03
N TRP A 357 -12.17 12.38 -31.97
CA TRP A 357 -11.30 11.19 -31.93
C TRP A 357 -10.05 11.37 -32.78
N ILE A 358 -8.90 11.19 -32.17
CA ILE A 358 -7.61 11.31 -32.82
C ILE A 358 -6.98 9.93 -32.85
N TYR A 359 -6.24 9.65 -33.91
CA TYR A 359 -5.53 8.39 -34.07
C TYR A 359 -4.04 8.59 -33.77
N GLN A 360 -3.49 7.69 -32.95
CA GLN A 360 -2.13 7.78 -32.41
C GLN A 360 -1.27 6.57 -32.77
N PRO A 361 -0.66 6.59 -33.96
CA PRO A 361 0.08 5.42 -34.41
C PRO A 361 1.24 5.06 -33.50
N GLU A 362 1.78 6.07 -32.82
CA GLU A 362 2.95 5.91 -31.95
C GLU A 362 2.83 4.81 -30.85
N TYR A 363 1.64 4.54 -30.35
CA TYR A 363 1.47 3.48 -29.37
C TYR A 363 1.57 2.07 -29.96
N ALA A 364 1.53 1.93 -31.26
CA ALA A 364 1.81 0.60 -31.83
C ALA A 364 3.14 0.05 -31.28
N GLU A 365 3.19 -1.25 -31.06
CA GLU A 365 4.42 -1.93 -30.60
C GLU A 365 4.94 -1.46 -29.25
N LYS A 366 4.05 -1.00 -28.38
CA LYS A 366 4.38 -0.72 -26.97
C LYS A 366 3.98 -1.92 -26.14
N ASN A 367 4.68 -2.15 -25.04
CA ASN A 367 4.39 -3.28 -24.16
C ASN A 367 3.92 -2.84 -22.79
N TRP A 368 2.93 -3.56 -22.24
CA TRP A 368 2.23 -3.14 -21.03
C TRP A 368 2.19 -4.20 -19.92
N SER A 369 2.90 -5.30 -20.10
CA SER A 369 2.87 -6.37 -19.13
C SER A 369 3.43 -5.95 -17.74
N TRP A 370 4.20 -4.88 -17.73
CA TRP A 370 4.74 -4.34 -16.51
C TRP A 370 3.64 -3.76 -15.59
N ARG A 371 2.50 -3.39 -16.17
CA ARG A 371 1.40 -2.81 -15.41
C ARG A 371 0.80 -3.80 -14.44
N PRO A 372 0.54 -3.36 -13.22
CA PRO A 372 -0.19 -4.17 -12.25
C PRO A 372 -1.43 -4.80 -12.84
N TYR A 373 -1.66 -6.07 -12.51
CA TYR A 373 -2.84 -6.83 -12.95
C TYR A 373 -2.86 -7.22 -14.41
N PHE A 374 -2.10 -6.52 -15.24
CA PHE A 374 -2.21 -6.73 -16.67
C PHE A 374 -2.19 -8.21 -17.07
N LEU A 375 -1.09 -8.92 -16.79
CA LEU A 375 -1.02 -10.34 -17.17
C LEU A 375 -2.06 -11.17 -16.47
N GLU A 376 -2.30 -10.89 -15.20
CA GLU A 376 -3.33 -11.61 -14.47
C GLU A 376 -4.66 -11.56 -15.21
N ASN A 377 -5.02 -10.38 -15.72
CA ASN A 377 -6.29 -10.22 -16.42
C ASN A 377 -6.33 -10.90 -17.78
N ILE A 378 -5.17 -11.11 -18.40
CA ILE A 378 -5.15 -11.82 -19.67
C ILE A 378 -5.59 -13.25 -19.43
N MET A 379 -5.00 -13.91 -18.44
CA MET A 379 -5.35 -15.30 -18.17
C MET A 379 -6.70 -15.44 -17.47
N ARG A 380 -7.22 -14.34 -16.96
CA ARG A 380 -8.58 -14.32 -16.41
C ARG A 380 -9.58 -14.23 -17.58
N MET A 381 -9.32 -13.32 -18.52
CA MET A 381 -10.18 -13.16 -19.68
C MET A 381 -10.28 -14.47 -20.45
N ARG A 382 -9.17 -15.21 -20.55
CA ARG A 382 -9.14 -16.50 -21.20
C ARG A 382 -10.02 -17.51 -20.48
N ASN A 383 -9.64 -17.81 -19.25
CA ASN A 383 -10.31 -18.84 -18.49
C ASN A 383 -11.79 -18.55 -18.40
N LEU A 384 -12.11 -17.38 -17.87
CA LEU A 384 -13.51 -16.98 -17.61
C LEU A 384 -14.26 -16.75 -18.91
N ARG A 385 -13.52 -16.48 -19.99
CA ARG A 385 -14.09 -16.26 -21.32
C ARG A 385 -15.06 -15.06 -21.39
N LYS A 386 -15.00 -14.17 -20.39
CA LYS A 386 -15.80 -12.95 -20.36
C LYS A 386 -14.93 -11.70 -20.21
N GLY A 387 -15.58 -10.53 -20.26
CA GLY A 387 -14.92 -9.24 -20.04
C GLY A 387 -15.34 -8.64 -18.71
N PHE A 388 -14.59 -7.63 -18.25
CA PHE A 388 -14.85 -7.02 -16.95
C PHE A 388 -14.13 -5.68 -16.74
N PHE A 389 -14.56 -4.94 -15.72
CA PHE A 389 -13.94 -3.65 -15.34
C PHE A 389 -12.81 -3.84 -14.39
N SER A 390 -11.93 -2.85 -14.31
CA SER A 390 -10.96 -2.72 -13.23
C SER A 390 -11.52 -1.92 -12.09
N ASP A 391 -10.78 -1.89 -10.99
CA ASP A 391 -11.07 -0.93 -9.91
C ASP A 391 -10.80 0.48 -10.44
N LEU A 392 -10.97 1.49 -9.60
CA LEU A 392 -10.79 2.86 -10.02
C LEU A 392 -9.34 3.20 -9.95
N TYR A 393 -8.75 3.66 -11.04
CA TYR A 393 -7.35 4.14 -11.00
C TYR A 393 -7.17 5.44 -11.75
N SER A 394 -6.01 6.05 -11.55
CA SER A 394 -5.73 7.37 -12.08
C SER A 394 -4.93 7.24 -13.38
N ASP A 395 -5.56 7.60 -14.48
CA ASP A 395 -4.95 7.44 -15.80
C ASP A 395 -3.67 8.26 -15.85
N LEU A 396 -2.63 7.70 -16.42
CA LEU A 396 -1.31 8.33 -16.34
C LEU A 396 -1.18 9.57 -17.22
N GLU A 397 -1.96 9.62 -18.29
CA GLU A 397 -1.93 10.78 -19.19
C GLU A 397 -2.89 11.89 -18.83
N THR A 398 -4.18 11.60 -18.76
CA THR A 398 -5.19 12.65 -18.46
C THR A 398 -5.14 13.03 -16.98
N GLY A 399 -4.89 12.05 -16.12
CA GLY A 399 -4.79 12.31 -14.68
C GLY A 399 -6.09 12.20 -13.90
N GLU A 400 -7.19 11.99 -14.57
CA GLU A 400 -8.43 11.82 -13.85
C GLU A 400 -8.59 10.36 -13.52
N MET A 401 -9.51 10.05 -12.62
CA MET A 401 -9.80 8.67 -12.27
C MET A 401 -10.64 8.04 -13.36
N ILE A 402 -10.32 6.80 -13.70
CA ILE A 402 -11.00 6.05 -14.76
C ILE A 402 -11.23 4.61 -14.35
N ARG A 403 -11.89 3.86 -15.21
CA ARG A 403 -11.84 2.40 -15.17
C ARG A 403 -11.54 1.89 -16.58
N THR A 404 -10.92 0.74 -16.68
CA THR A 404 -10.72 0.12 -17.98
C THR A 404 -11.59 -1.12 -18.05
N PHE A 405 -12.15 -1.39 -19.22
CA PHE A 405 -12.89 -2.61 -19.47
C PHE A 405 -12.05 -3.47 -20.40
N SER A 406 -11.90 -4.73 -20.04
CA SER A 406 -11.10 -5.66 -20.83
C SER A 406 -12.04 -6.66 -21.44
N TYR A 407 -11.86 -6.92 -22.73
CA TYR A 407 -12.75 -7.76 -23.52
C TYR A 407 -11.91 -8.67 -24.41
N PRO A 408 -12.10 -10.00 -24.28
CA PRO A 408 -11.28 -10.91 -25.09
C PRO A 408 -11.87 -11.10 -26.46
N MET A 409 -10.99 -11.28 -27.45
CA MET A 409 -11.40 -11.44 -28.82
C MET A 409 -10.95 -12.75 -29.40
N ASP A 410 -11.36 -13.00 -30.64
CA ASP A 410 -10.83 -14.10 -31.44
C ASP A 410 -9.35 -13.90 -31.71
N ASP A 411 -8.66 -15.00 -32.01
CA ASP A 411 -7.23 -14.99 -32.37
C ASP A 411 -6.34 -14.55 -31.20
N GLN A 412 -6.68 -14.99 -29.98
CA GLN A 412 -5.86 -14.72 -28.79
C GLN A 412 -5.43 -13.25 -28.69
N MET A 413 -6.38 -12.36 -29.03
CA MET A 413 -6.19 -10.94 -28.91
C MET A 413 -7.16 -10.32 -27.86
N TYR A 414 -6.77 -9.19 -27.29
CA TYR A 414 -7.50 -8.64 -26.16
C TYR A 414 -7.75 -7.15 -26.38
N LEU A 415 -8.99 -6.72 -26.17
CA LEU A 415 -9.40 -5.37 -26.43
C LEU A 415 -9.56 -4.63 -25.13
N PHE A 416 -9.11 -3.38 -25.10
CA PHE A 416 -9.17 -2.56 -23.89
C PHE A 416 -9.89 -1.29 -24.23
N ILE A 417 -10.64 -0.78 -23.26
CA ILE A 417 -11.43 0.45 -23.41
C ILE A 417 -11.40 1.27 -22.11
N ASP A 418 -10.81 2.46 -22.16
CA ASP A 418 -10.65 3.29 -20.97
C ASP A 418 -11.84 4.24 -20.85
N LEU A 419 -12.53 4.19 -19.70
CA LEU A 419 -13.76 4.95 -19.49
C LEU A 419 -13.48 6.26 -18.75
N PRO A 420 -14.09 7.37 -19.16
CA PRO A 420 -13.87 8.62 -18.47
C PRO A 420 -14.74 8.78 -17.22
N TYR A 421 -14.38 9.76 -16.41
CA TYR A 421 -15.14 10.13 -15.26
C TYR A 421 -16.53 10.60 -15.67
N SER A 422 -16.60 11.42 -16.71
CA SER A 422 -17.89 11.98 -17.13
C SER A 422 -18.95 10.90 -17.37
N TYR A 423 -18.52 9.68 -17.74
CA TYR A 423 -19.41 8.52 -17.86
C TYR A 423 -19.56 7.78 -16.51
N LEU A 424 -18.48 7.39 -15.88
CA LEU A 424 -18.54 6.92 -14.48
C LEU A 424 -19.45 7.81 -13.54
N TYR A 425 -19.26 9.13 -13.56
CA TYR A 425 -19.95 9.97 -12.55
C TYR A 425 -21.44 9.86 -12.71
N GLU A 426 -21.94 9.83 -13.95
CA GLU A 426 -23.38 9.81 -14.13
C GLU A 426 -24.00 8.44 -14.33
N GLN A 427 -23.26 7.40 -13.98
CA GLN A 427 -23.82 6.07 -13.87
C GLN A 427 -24.03 5.81 -12.40
N ASP A 428 -24.59 4.65 -12.07
CA ASP A 428 -24.93 4.29 -10.70
C ASP A 428 -23.84 3.52 -9.98
N GLY A 429 -23.04 4.22 -9.17
CA GLY A 429 -22.18 3.58 -8.18
C GLY A 429 -20.91 2.98 -8.75
N LEU A 430 -20.26 3.74 -9.61
CA LEU A 430 -19.01 3.34 -10.24
C LEU A 430 -17.90 4.28 -9.80
N ILE A 431 -18.12 4.97 -8.70
CA ILE A 431 -17.12 5.87 -8.16
C ILE A 431 -16.87 5.56 -6.69
N MET B 25 41.25 13.09 -2.22
CA MET B 25 39.83 13.55 -2.27
C MET B 25 39.76 15.06 -2.46
N LEU B 26 38.59 15.53 -2.89
CA LEU B 26 38.42 16.90 -3.34
C LEU B 26 37.84 17.85 -2.30
N ASP B 27 38.63 18.85 -1.96
CA ASP B 27 38.23 19.93 -1.08
C ASP B 27 37.24 20.82 -1.83
N PRO B 28 36.33 21.46 -1.11
CA PRO B 28 35.39 22.31 -1.84
C PRO B 28 36.10 23.47 -2.52
N LEU B 29 37.13 23.99 -1.88
CA LEU B 29 37.85 25.12 -2.44
C LEU B 29 38.37 24.75 -3.82
N ASP B 30 38.79 23.50 -3.98
CA ASP B 30 39.32 22.98 -5.26
C ASP B 30 38.35 23.13 -6.39
N ILE B 31 37.08 22.98 -6.06
CA ILE B 31 36.02 23.01 -7.06
C ILE B 31 35.70 24.45 -7.45
N LEU B 32 35.47 25.33 -6.48
CA LEU B 32 35.13 26.71 -6.79
C LEU B 32 36.29 27.43 -7.49
N THR B 33 37.52 27.05 -7.20
CA THR B 33 38.70 27.62 -7.87
C THR B 33 38.83 27.21 -9.35
N ASN B 34 38.31 26.04 -9.71
CA ASN B 34 38.40 25.55 -11.07
C ASN B 34 37.03 25.28 -11.66
N ILE B 35 36.13 26.24 -11.43
CA ILE B 35 34.72 26.12 -11.80
C ILE B 35 34.50 25.90 -13.31
N ASP B 36 35.47 26.31 -14.12
CA ASP B 36 35.42 26.11 -15.57
C ASP B 36 35.65 24.66 -16.00
N ASP B 37 36.24 23.85 -15.12
CA ASP B 37 36.47 22.43 -15.37
C ASP B 37 35.24 21.55 -15.09
N VAL B 38 34.18 22.14 -14.54
CA VAL B 38 32.99 21.37 -14.18
C VAL B 38 32.12 21.05 -15.39
N LEU B 39 31.56 19.83 -15.39
CA LEU B 39 30.81 19.31 -16.53
C LEU B 39 29.70 18.35 -16.08
N PRO B 40 28.58 18.30 -16.82
CA PRO B 40 27.62 17.24 -16.56
C PRO B 40 28.02 15.89 -17.16
N TYR B 41 27.78 14.82 -16.41
CA TYR B 41 27.65 13.49 -16.98
C TYR B 41 26.17 13.18 -17.02
N TYR B 42 25.76 12.13 -17.72
CA TYR B 42 24.33 11.80 -17.87
C TYR B 42 24.10 10.31 -17.69
N GLN B 43 23.07 9.94 -16.93
CA GLN B 43 22.65 8.52 -16.90
C GLN B 43 21.30 8.33 -17.56
N ALA B 44 21.26 7.40 -18.51
CA ALA B 44 20.07 7.11 -19.26
C ALA B 44 19.05 6.35 -18.42
N ILE B 45 17.78 6.60 -18.74
CA ILE B 45 16.64 5.94 -18.12
C ILE B 45 15.87 5.23 -19.22
N PHE B 46 15.43 4.01 -18.94
CA PHE B 46 14.85 3.15 -19.99
C PHE B 46 13.42 2.79 -19.72
N SER B 47 12.59 2.84 -20.76
CA SER B 47 11.15 2.55 -20.64
C SER B 47 10.84 1.05 -20.71
N ALA B 48 9.88 0.59 -19.91
CA ALA B 48 9.41 -0.81 -20.02
C ALA B 48 8.55 -1.04 -21.26
N GLU B 49 7.96 0.02 -21.82
CA GLU B 49 7.11 -0.12 -23.00
C GLU B 49 7.94 -0.42 -24.22
N GLU B 50 8.78 0.52 -24.59
CA GLU B 50 9.54 0.46 -25.82
C GLU B 50 10.98 0.04 -25.62
N GLN B 51 11.34 -0.38 -24.41
CA GLN B 51 12.72 -0.72 -24.05
C GLN B 51 13.75 0.23 -24.66
N LYS B 52 13.46 1.53 -24.53
CA LYS B 52 14.30 2.60 -25.09
C LYS B 52 14.59 3.74 -24.16
N VAL B 53 15.61 4.52 -24.51
CA VAL B 53 16.08 5.61 -23.67
C VAL B 53 15.04 6.69 -23.73
N VAL B 54 14.40 6.97 -22.60
CA VAL B 54 13.31 7.94 -22.51
C VAL B 54 13.80 9.34 -22.05
N GLY B 55 15.01 9.41 -21.54
CA GLY B 55 15.55 10.66 -20.99
C GLY B 55 16.80 10.35 -20.16
N TYR B 56 17.39 11.37 -19.55
CA TYR B 56 18.61 11.20 -18.74
C TYR B 56 18.56 11.97 -17.43
N GLU B 57 19.24 11.45 -16.41
CA GLU B 57 19.43 12.18 -15.15
C GLU B 57 20.74 12.94 -15.26
N VAL B 58 20.70 14.24 -14.94
CA VAL B 58 21.90 15.07 -14.97
C VAL B 58 22.68 14.86 -13.67
N LEU B 59 23.94 14.48 -13.80
CA LEU B 59 24.81 14.27 -12.66
C LEU B 59 26.00 15.24 -12.74
N GLY B 60 26.68 15.49 -11.63
CA GLY B 60 27.68 16.54 -11.59
C GLY B 60 29.12 16.04 -11.51
N ARG B 61 29.94 16.50 -12.45
CA ARG B 61 31.34 16.05 -12.59
C ARG B 61 32.31 17.21 -12.67
N ILE B 62 33.53 16.98 -12.18
CA ILE B 62 34.61 17.94 -12.36
C ILE B 62 35.85 17.23 -12.86
N LEU B 63 36.57 17.89 -13.77
CA LEU B 63 37.86 17.38 -14.27
C LEU B 63 38.97 17.91 -13.40
N ALA B 64 39.40 17.07 -12.45
CA ALA B 64 40.51 17.39 -11.57
C ALA B 64 41.66 16.41 -11.82
N ASP B 65 42.82 16.99 -12.15
CA ASP B 65 44.08 16.26 -12.19
C ASP B 65 43.98 15.01 -13.05
N SER B 66 43.75 15.24 -14.34
CA SER B 66 43.67 14.18 -15.34
C SER B 66 42.64 13.11 -14.96
N GLU B 67 41.53 13.52 -14.37
CA GLU B 67 40.55 12.57 -13.87
C GLU B 67 39.20 13.22 -13.58
N ILE B 68 38.16 12.39 -13.58
CA ILE B 68 36.78 12.80 -13.43
C ILE B 68 36.21 12.26 -12.14
N GLN B 69 35.72 13.16 -11.29
CA GLN B 69 35.19 12.81 -9.97
C GLN B 69 33.84 13.49 -9.69
N SER B 70 33.01 12.86 -8.86
CA SER B 70 31.64 13.33 -8.59
C SER B 70 31.57 14.53 -7.68
N LEU B 71 30.69 15.46 -7.99
CA LEU B 71 30.38 16.58 -7.09
C LEU B 71 29.30 16.22 -6.06
N GLY B 72 29.01 14.93 -5.92
CA GLY B 72 28.04 14.48 -4.92
C GLY B 72 28.38 14.94 -3.51
N PRO B 73 29.53 14.51 -3.00
CA PRO B 73 29.98 14.96 -1.68
C PRO B 73 29.89 16.47 -1.51
N PHE B 74 30.20 17.21 -2.56
CA PHE B 74 30.12 18.67 -2.56
C PHE B 74 28.67 19.18 -2.40
N PHE B 75 27.73 18.60 -3.14
CA PHE B 75 26.32 19.02 -3.02
C PHE B 75 25.69 18.54 -1.70
N LEU B 76 26.19 17.42 -1.18
CA LEU B 76 25.60 16.84 0.03
C LEU B 76 26.18 17.42 1.30
N ASP B 77 27.26 18.20 1.18
CA ASP B 77 27.94 18.77 2.36
C ASP B 77 27.14 19.93 2.94
N ALA B 78 26.71 19.76 4.18
CA ALA B 78 25.90 20.78 4.87
C ALA B 78 26.73 22.00 5.28
N GLY B 79 28.04 21.82 5.37
CA GLY B 79 28.94 22.90 5.75
C GLY B 79 29.14 23.98 4.70
N ILE B 80 28.91 23.64 3.43
CA ILE B 80 29.19 24.58 2.36
C ILE B 80 28.03 25.54 2.16
N PRO B 81 28.32 26.86 2.08
CA PRO B 81 27.28 27.86 1.86
C PRO B 81 26.48 27.66 0.58
N GLU B 82 25.20 28.01 0.67
CA GLU B 82 24.23 27.66 -0.35
C GLU B 82 24.52 28.34 -1.68
N GLU B 83 25.15 29.51 -1.67
CA GLU B 83 25.30 30.25 -2.92
C GLU B 83 26.32 29.55 -3.79
N TYR B 84 27.33 28.98 -3.15
CA TYR B 84 28.37 28.28 -3.90
C TYR B 84 27.87 26.95 -4.46
N LYS B 85 26.90 26.34 -3.78
CA LYS B 85 26.22 25.17 -4.34
C LYS B 85 25.46 25.60 -5.58
N LEU B 86 24.66 26.66 -5.45
CA LEU B 86 23.87 27.18 -6.58
C LEU B 86 24.75 27.71 -7.71
N GLU B 87 25.86 28.33 -7.36
CA GLU B 87 26.84 28.82 -8.33
C GLU B 87 27.29 27.70 -9.26
N VAL B 88 27.65 26.56 -8.68
CA VAL B 88 28.15 25.42 -9.45
C VAL B 88 26.98 24.74 -10.16
N ASP B 89 25.96 24.39 -9.36
CA ASP B 89 24.74 23.79 -9.85
C ASP B 89 24.32 24.43 -11.16
N ASN B 90 24.45 25.75 -11.23
CA ASN B 90 24.07 26.52 -12.40
C ASN B 90 24.85 26.17 -13.65
N ARG B 91 26.17 26.15 -13.55
CA ARG B 91 26.97 25.88 -14.71
C ARG B 91 26.73 24.48 -15.25
N ILE B 92 26.43 23.54 -14.36
CA ILE B 92 26.15 22.19 -14.80
C ILE B 92 24.86 22.15 -15.58
N ILE B 93 23.81 22.73 -15.01
CA ILE B 93 22.50 22.81 -15.66
C ILE B 93 22.57 23.52 -17.03
N ARG B 94 23.24 24.66 -17.07
CA ARG B 94 23.39 25.39 -18.32
C ARG B 94 24.06 24.49 -19.34
N GLN B 95 25.15 23.84 -18.95
CA GLN B 95 25.83 22.94 -19.87
C GLN B 95 24.92 21.79 -20.24
N ALA B 96 24.23 21.22 -19.28
CA ALA B 96 23.34 20.11 -19.56
C ALA B 96 22.22 20.52 -20.51
N LEU B 97 21.54 21.63 -20.23
CA LEU B 97 20.42 22.06 -21.06
C LEU B 97 20.88 22.58 -22.42
N ASP B 98 22.09 23.11 -22.49
CA ASP B 98 22.67 23.48 -23.79
C ASP B 98 22.77 22.24 -24.67
N ARG B 99 23.14 21.13 -24.04
CA ARG B 99 23.27 19.85 -24.72
C ARG B 99 21.93 19.32 -25.21
N PHE B 100 20.91 19.46 -24.37
CA PHE B 100 19.57 18.94 -24.68
C PHE B 100 18.94 19.67 -25.84
N LEU B 101 19.27 20.95 -26.00
CA LEU B 101 18.76 21.75 -27.12
C LEU B 101 19.05 21.08 -28.44
N GLU B 102 20.13 20.31 -28.48
CA GLU B 102 20.62 19.70 -29.71
C GLU B 102 20.28 18.23 -29.85
N ALA B 103 19.89 17.57 -28.75
CA ALA B 103 19.51 16.16 -28.80
C ALA B 103 18.09 16.01 -29.33
N ASP B 104 17.50 14.83 -29.15
CA ASP B 104 16.09 14.61 -29.52
C ASP B 104 15.11 15.48 -28.69
N SER B 105 14.05 15.91 -29.34
CA SER B 105 13.14 16.90 -28.77
C SER B 105 12.23 16.35 -27.70
N ASP B 106 12.06 15.04 -27.64
CA ASP B 106 11.10 14.42 -26.71
C ASP B 106 11.76 13.85 -25.46
N LEU B 107 13.08 13.98 -25.37
CA LEU B 107 13.82 13.47 -24.22
C LEU B 107 13.40 14.14 -22.91
N LEU B 108 13.25 13.34 -21.86
CA LEU B 108 13.05 13.90 -20.53
C LEU B 108 14.38 14.30 -19.89
N ILE B 109 14.33 15.36 -19.08
CA ILE B 109 15.49 15.94 -18.40
C ILE B 109 15.25 15.88 -16.89
N PHE B 110 15.85 14.88 -16.26
CA PHE B 110 15.72 14.64 -14.84
C PHE B 110 16.79 15.42 -14.11
N MET B 111 16.37 16.18 -13.12
CA MET B 111 17.29 17.06 -12.41
C MET B 111 17.12 16.99 -10.89
N ASN B 112 18.23 16.83 -10.22
CA ASN B 112 18.23 16.80 -8.80
C ASN B 112 18.17 18.22 -8.28
N GLN B 113 17.24 18.44 -7.36
CA GLN B 113 17.01 19.75 -6.73
C GLN B 113 16.56 19.59 -5.28
N ASP B 114 17.35 20.15 -4.36
CA ASP B 114 16.99 20.21 -2.94
C ASP B 114 15.75 21.07 -2.73
N ALA B 115 14.80 20.58 -1.96
CA ALA B 115 13.63 21.36 -1.60
C ALA B 115 13.97 22.67 -0.90
N ASN B 116 14.82 22.60 0.14
CA ASN B 116 15.13 23.76 0.98
C ASN B 116 15.83 24.88 0.20
N LEU B 117 16.82 24.53 -0.63
CA LEU B 117 17.53 25.53 -1.44
C LEU B 117 16.59 26.13 -2.46
N LEU B 118 15.72 25.29 -3.02
CA LEU B 118 14.72 25.72 -4.01
C LEU B 118 13.72 26.64 -3.33
N MET B 119 13.48 26.40 -2.04
CA MET B 119 12.46 27.14 -1.30
C MET B 119 12.99 28.44 -0.71
N LEU B 120 14.30 28.69 -0.88
CA LEU B 120 14.90 29.95 -0.40
C LEU B 120 14.25 31.17 -1.05
N ASP B 121 13.82 31.03 -2.30
CA ASP B 121 13.08 32.11 -2.98
C ASP B 121 11.80 31.60 -3.62
N HIS B 122 11.16 30.61 -2.98
CA HIS B 122 9.96 29.96 -3.52
C HIS B 122 10.14 29.52 -4.97
N GLY B 123 11.33 29.04 -5.33
CA GLY B 123 11.61 28.50 -6.67
C GLY B 123 11.59 29.50 -7.81
N GLU B 124 11.54 30.78 -7.47
CA GLU B 124 11.38 31.84 -8.44
C GLU B 124 12.51 31.85 -9.46
N SER B 125 13.75 31.87 -8.97
CA SER B 125 14.92 31.98 -9.84
C SER B 125 15.11 30.74 -10.70
N PHE B 126 14.89 29.57 -10.12
CA PHE B 126 15.01 28.33 -10.88
C PHE B 126 14.02 28.35 -12.03
N LEU B 127 12.75 28.61 -11.75
CA LEU B 127 11.73 28.59 -12.80
C LEU B 127 12.06 29.54 -13.95
N GLU B 128 12.62 30.70 -13.63
CA GLU B 128 13.05 31.63 -14.66
C GLU B 128 14.14 31.03 -15.54
N LEU B 129 15.06 30.29 -14.93
CA LEU B 129 16.08 29.56 -15.69
C LEU B 129 15.43 28.53 -16.61
N LEU B 130 14.39 27.86 -16.16
CA LEU B 130 13.67 26.91 -17.01
C LEU B 130 12.93 27.66 -18.11
N LYS B 131 12.24 28.73 -17.72
CA LYS B 131 11.49 29.55 -18.66
C LYS B 131 12.39 30.05 -19.80
N GLU B 132 13.63 30.39 -19.47
CA GLU B 132 14.61 30.87 -20.44
C GLU B 132 14.79 29.85 -21.57
N TYR B 133 14.93 28.58 -21.18
CA TYR B 133 15.20 27.50 -22.13
C TYR B 133 13.96 27.02 -22.87
N GLU B 134 12.78 27.36 -22.38
CA GLU B 134 11.57 27.15 -23.16
C GLU B 134 11.63 28.00 -24.42
N ALA B 135 12.03 29.25 -24.25
CA ALA B 135 12.22 30.16 -25.38
C ALA B 135 13.24 29.59 -26.36
N LYS B 136 14.32 29.04 -25.82
CA LYS B 136 15.39 28.47 -26.63
C LYS B 136 15.03 27.11 -27.24
N GLY B 137 13.97 26.49 -26.73
CA GLY B 137 13.34 25.34 -27.42
C GLY B 137 13.14 24.03 -26.66
N ILE B 138 13.09 24.08 -25.33
CA ILE B 138 12.82 22.88 -24.51
C ILE B 138 11.49 22.98 -23.80
N GLU B 139 10.46 22.36 -24.36
CA GLU B 139 9.13 22.42 -23.77
C GLU B 139 9.19 22.09 -22.29
N LEU B 140 8.47 22.84 -21.47
CA LEU B 140 8.56 22.69 -20.01
C LEU B 140 8.13 21.31 -19.51
N HIS B 141 7.37 20.59 -20.32
CA HIS B 141 6.82 19.32 -19.87
C HIS B 141 7.84 18.21 -20.01
N ARG B 142 9.06 18.56 -20.43
CA ARG B 142 10.15 17.58 -20.52
C ARG B 142 10.99 17.58 -19.21
N PHE B 143 10.68 18.49 -18.31
CA PHE B 143 11.48 18.66 -17.13
C PHE B 143 10.93 17.84 -15.98
N VAL B 144 11.77 16.94 -15.47
CA VAL B 144 11.42 16.17 -14.29
C VAL B 144 12.35 16.64 -13.21
N LEU B 145 11.81 16.87 -12.04
CA LEU B 145 12.49 17.58 -10.97
C LEU B 145 12.57 16.62 -9.78
N GLU B 146 13.75 16.11 -9.49
CA GLU B 146 13.90 15.10 -8.43
C GLU B 146 14.01 15.78 -7.09
N ILE B 147 12.95 15.68 -6.29
CA ILE B 147 12.86 16.31 -4.98
C ILE B 147 12.87 15.24 -3.90
N THR B 148 13.54 15.52 -2.78
CA THR B 148 13.56 14.59 -1.64
C THR B 148 12.79 15.20 -0.47
N GLU B 149 11.63 14.65 -0.18
CA GLU B 149 10.69 15.32 0.70
C GLU B 149 11.08 15.23 2.18
N HIS B 150 11.63 14.11 2.60
CA HIS B 150 11.99 13.94 4.01
C HIS B 150 13.17 14.82 4.44
N ASN B 151 13.91 15.37 3.48
CA ASN B 151 14.97 16.34 3.77
C ASN B 151 14.44 17.73 4.06
N PHE B 152 13.22 18.01 3.63
CA PHE B 152 12.61 19.33 3.80
C PHE B 152 12.26 19.59 5.26
N GLU B 153 12.68 20.74 5.77
CA GLU B 153 12.35 21.12 7.16
C GLU B 153 11.42 22.32 7.25
N GLY B 154 11.10 22.92 6.11
CA GLY B 154 10.11 24.00 6.09
C GLY B 154 8.70 23.45 6.21
N ASP B 155 7.71 24.34 6.17
CA ASP B 155 6.32 23.93 6.22
C ASP B 155 5.95 23.19 4.94
N ILE B 156 5.63 21.91 5.09
CA ILE B 156 5.35 21.01 3.96
C ILE B 156 4.23 21.49 3.04
N GLU B 157 3.24 22.18 3.60
CA GLU B 157 2.08 22.62 2.83
C GLU B 157 2.44 23.76 1.89
N GLN B 158 3.50 24.47 2.25
CA GLN B 158 4.03 25.55 1.43
C GLN B 158 4.84 25.00 0.24
N LEU B 159 5.68 24.00 0.51
CA LEU B 159 6.40 23.29 -0.56
C LEU B 159 5.43 22.65 -1.56
N TYR B 160 4.39 22.02 -1.02
CA TYR B 160 3.30 21.43 -1.82
C TYR B 160 2.56 22.48 -2.65
N HIS B 161 2.46 23.69 -2.10
CA HIS B 161 1.84 24.81 -2.78
C HIS B 161 2.66 25.19 -4.02
N MET B 162 3.97 25.36 -3.79
CA MET B 162 4.90 25.79 -4.82
C MET B 162 4.95 24.82 -5.99
N LEU B 163 5.13 23.54 -5.69
CA LEU B 163 5.19 22.54 -6.75
C LEU B 163 3.93 22.54 -7.61
N ALA B 164 2.78 22.82 -7.00
CA ALA B 164 1.55 23.06 -7.76
C ALA B 164 1.80 24.06 -8.90
N TYR B 165 2.35 25.21 -8.53
CA TYR B 165 2.66 26.28 -9.49
C TYR B 165 3.49 25.68 -10.62
N TYR B 166 4.59 25.01 -10.26
CA TYR B 166 5.46 24.38 -11.26
C TYR B 166 4.67 23.50 -12.25
N ARG B 167 3.85 22.60 -11.72
CA ARG B 167 3.06 21.67 -12.55
C ARG B 167 2.15 22.38 -13.55
N THR B 168 1.61 23.54 -13.18
CA THR B 168 0.72 24.29 -14.07
C THR B 168 1.44 24.81 -15.31
N TYR B 169 2.76 24.60 -15.38
CA TYR B 169 3.54 24.78 -16.61
C TYR B 169 3.87 23.44 -17.28
N GLY B 170 3.40 22.33 -16.71
CA GLY B 170 3.65 20.99 -17.25
C GLY B 170 4.85 20.29 -16.64
N ILE B 171 5.51 20.97 -15.71
CA ILE B 171 6.74 20.46 -15.10
C ILE B 171 6.42 19.24 -14.27
N LYS B 172 7.25 18.24 -14.39
CA LYS B 172 7.00 16.96 -13.74
C LYS B 172 7.77 16.89 -12.43
N ILE B 173 7.19 16.17 -11.47
CA ILE B 173 7.78 16.03 -10.15
C ILE B 173 8.04 14.59 -9.81
N ALA B 174 9.25 14.33 -9.35
CA ALA B 174 9.65 12.98 -9.00
C ALA B 174 10.12 12.99 -7.56
N VAL B 175 9.61 12.09 -6.72
CA VAL B 175 10.07 12.02 -5.32
C VAL B 175 11.09 10.86 -5.04
N ASP B 176 12.19 11.21 -4.38
CA ASP B 176 13.36 10.38 -4.16
C ASP B 176 13.28 9.54 -2.90
N ASN B 177 14.11 8.51 -2.85
CA ASN B 177 14.47 7.82 -1.62
C ASN B 177 13.31 7.35 -0.74
N ILE B 178 12.19 6.97 -1.37
CA ILE B 178 10.97 6.59 -0.62
C ILE B 178 11.25 5.66 0.58
N GLY B 179 10.84 6.12 1.76
CA GLY B 179 10.86 5.31 2.97
C GLY B 179 12.22 5.10 3.61
N LYS B 180 12.85 6.16 4.12
CA LYS B 180 14.23 6.05 4.56
C LYS B 180 14.45 6.66 5.93
N GLU B 181 14.14 7.93 6.07
CA GLU B 181 14.33 8.57 7.35
C GLU B 181 12.97 9.10 7.73
N SER B 182 12.79 10.42 7.70
CA SER B 182 11.49 11.04 7.94
C SER B 182 10.46 10.83 6.81
N SER B 183 10.76 9.97 5.83
CA SER B 183 9.83 9.72 4.73
C SER B 183 8.42 9.46 5.26
N ASN B 184 7.43 9.76 4.44
CA ASN B 184 6.03 9.86 4.87
C ASN B 184 5.05 9.74 3.70
N LEU B 185 4.35 8.61 3.60
CA LEU B 185 3.46 8.38 2.45
C LEU B 185 2.27 9.34 2.44
N ASP B 186 1.79 9.74 3.61
CA ASP B 186 0.75 10.75 3.67
C ASP B 186 1.22 12.02 2.98
N ARG B 187 2.37 12.51 3.41
CA ARG B 187 2.94 13.74 2.85
C ARG B 187 3.32 13.57 1.39
N ILE B 188 3.68 12.35 0.99
CA ILE B 188 4.05 12.13 -0.39
C ILE B 188 2.82 12.15 -1.27
N ALA B 189 1.76 11.43 -0.91
CA ALA B 189 0.57 11.37 -1.75
C ALA B 189 -0.11 12.75 -1.95
N LEU B 190 -0.04 13.58 -0.92
CA LEU B 190 -0.52 14.97 -0.94
C LEU B 190 0.16 15.76 -2.05
N LEU B 191 1.46 15.54 -2.17
CA LEU B 191 2.25 16.13 -3.24
C LEU B 191 1.80 15.62 -4.63
N SER B 192 1.15 14.46 -4.65
CA SER B 192 0.52 13.93 -5.85
C SER B 192 1.53 13.93 -6.99
N PRO B 193 2.71 13.34 -6.77
CA PRO B 193 3.81 13.41 -7.74
C PRO B 193 3.55 12.62 -8.98
N ASP B 194 4.36 12.90 -9.99
CA ASP B 194 4.24 12.23 -11.25
C ASP B 194 5.00 10.94 -11.17
N LEU B 195 6.04 10.92 -10.36
CA LEU B 195 6.95 9.77 -10.33
C LEU B 195 7.40 9.47 -8.95
N LEU B 196 7.57 8.18 -8.67
CA LEU B 196 8.20 7.74 -7.44
C LEU B 196 9.50 7.06 -7.80
N LYS B 197 10.61 7.50 -7.20
CA LYS B 197 11.92 6.86 -7.41
C LYS B 197 12.23 5.95 -6.25
N ILE B 198 12.36 4.66 -6.56
CA ILE B 198 12.62 3.62 -5.56
C ILE B 198 13.97 3.02 -5.86
N ASP B 199 14.85 2.99 -4.87
CA ASP B 199 16.16 2.43 -5.08
C ASP B 199 16.23 1.05 -4.45
N LEU B 200 16.96 0.17 -5.13
CA LEU B 200 16.91 -1.25 -4.83
C LEU B 200 18.22 -1.76 -4.23
N GLN B 201 19.06 -0.87 -3.71
CA GLN B 201 20.19 -1.33 -2.90
C GLN B 201 19.62 -2.09 -1.69
N ALA B 202 18.42 -1.65 -1.31
CA ALA B 202 17.59 -2.30 -0.28
C ALA B 202 17.46 -3.85 -0.44
N LEU B 203 17.45 -4.31 -1.69
CA LEU B 203 17.34 -5.76 -1.99
C LEU B 203 18.65 -6.52 -1.87
N LYS B 204 19.75 -5.82 -1.63
CA LYS B 204 21.10 -6.39 -1.69
C LYS B 204 21.41 -7.00 -3.06
N SER B 209 15.10 -8.68 5.86
CA SER B 209 13.68 -8.92 5.57
C SER B 209 13.49 -9.58 4.21
N PRO B 210 12.99 -10.84 4.19
CA PRO B 210 12.62 -11.45 2.91
C PRO B 210 11.38 -10.79 2.32
N SER B 211 10.52 -10.29 3.21
CA SER B 211 9.23 -9.70 2.85
C SER B 211 9.34 -8.23 2.44
N TYR B 212 10.14 -7.95 1.42
CA TYR B 212 10.24 -6.59 0.95
C TYR B 212 9.37 -6.41 -0.27
N GLU B 213 9.06 -7.50 -0.96
CA GLU B 213 8.21 -7.39 -2.13
C GLU B 213 6.80 -6.93 -1.77
N HIS B 214 6.44 -7.16 -0.50
CA HIS B 214 5.19 -6.66 0.01
C HIS B 214 5.23 -5.14 0.02
N VAL B 215 6.32 -4.60 0.56
CA VAL B 215 6.59 -3.18 0.43
C VAL B 215 6.37 -2.76 -1.04
N LEU B 216 7.20 -3.26 -1.96
CA LEU B 216 7.15 -2.87 -3.38
C LEU B 216 5.73 -2.97 -3.98
N TYR B 217 5.13 -4.15 -3.90
CA TYR B 217 3.72 -4.35 -4.28
C TYR B 217 2.79 -3.28 -3.67
N SER B 218 2.85 -3.05 -2.36
CA SER B 218 2.04 -2.01 -1.77
C SER B 218 2.29 -0.69 -2.46
N ILE B 219 3.55 -0.37 -2.74
CA ILE B 219 3.85 0.95 -3.25
C ILE B 219 3.18 1.15 -4.60
N SER B 220 3.42 0.21 -5.49
CA SER B 220 2.91 0.33 -6.84
C SER B 220 1.40 0.54 -6.82
N LEU B 221 0.70 -0.20 -5.97
CA LEU B 221 -0.76 -0.10 -5.96
C LEU B 221 -1.21 1.28 -5.49
N LEU B 222 -0.55 1.83 -4.48
CA LEU B 222 -0.76 3.25 -4.08
C LEU B 222 -0.50 4.20 -5.23
N ALA B 223 0.55 3.86 -5.99
CA ALA B 223 1.02 4.67 -7.11
C ALA B 223 0.07 4.58 -8.29
N ARG B 224 -0.61 3.46 -8.39
CA ARG B 224 -1.54 3.24 -9.46
C ARG B 224 -2.87 4.02 -9.18
N LYS B 225 -3.25 4.12 -7.93
CA LYS B 225 -4.45 4.83 -7.60
C LYS B 225 -4.32 6.35 -7.71
N ILE B 226 -3.15 6.89 -7.39
CA ILE B 226 -2.94 8.35 -7.46
C ILE B 226 -2.32 8.78 -8.79
N GLY B 227 -1.85 7.82 -9.58
CA GLY B 227 -1.35 8.12 -10.92
C GLY B 227 0.08 8.59 -10.95
N ALA B 228 0.94 7.91 -10.23
CA ALA B 228 2.36 8.19 -10.25
C ALA B 228 3.04 6.97 -10.87
N ALA B 229 3.93 7.20 -11.82
CA ALA B 229 4.62 6.10 -12.43
C ALA B 229 5.80 5.70 -11.56
N LEU B 230 6.16 4.42 -11.56
CA LEU B 230 7.32 3.97 -10.74
C LEU B 230 8.61 3.96 -11.56
N LEU B 231 9.62 4.60 -10.99
CA LEU B 231 10.97 4.54 -11.53
C LEU B 231 11.91 3.86 -10.53
N TYR B 232 12.36 2.66 -10.89
CA TYR B 232 13.32 1.97 -10.06
C TYR B 232 14.73 2.40 -10.44
N GLU B 233 15.59 2.63 -9.43
CA GLU B 233 16.98 3.04 -9.67
C GLU B 233 17.93 2.20 -8.87
N ASP B 234 19.23 2.44 -9.09
CA ASP B 234 20.30 1.71 -8.41
C ASP B 234 20.15 0.21 -8.65
N ILE B 235 19.75 -0.13 -9.87
CA ILE B 235 19.67 -1.50 -10.30
C ILE B 235 21.06 -1.98 -10.73
N GLU B 236 21.68 -2.80 -9.88
CA GLU B 236 23.03 -3.31 -10.13
C GLU B 236 23.04 -4.75 -10.65
N ALA B 237 21.91 -5.46 -10.59
CA ALA B 237 21.85 -6.87 -11.04
C ALA B 237 20.51 -7.25 -11.67
N ASN B 238 20.46 -8.44 -12.27
CA ASN B 238 19.28 -8.87 -13.02
C ASN B 238 18.06 -9.07 -12.15
N PHE B 239 18.21 -9.84 -11.08
CA PHE B 239 17.09 -10.09 -10.19
C PHE B 239 16.47 -8.79 -9.71
N GLN B 240 17.29 -7.76 -9.56
CA GLN B 240 16.79 -6.43 -9.21
C GLN B 240 15.89 -5.87 -10.31
N LEU B 241 16.32 -6.02 -11.56
CA LEU B 241 15.52 -5.55 -12.69
C LEU B 241 14.19 -6.29 -12.75
N GLN B 242 14.21 -7.58 -12.41
CA GLN B 242 13.00 -8.38 -12.44
C GLN B 242 12.07 -7.92 -11.35
N TYR B 243 12.63 -7.72 -10.16
CA TYR B 243 11.84 -7.16 -9.08
C TYR B 243 11.17 -5.89 -9.53
N ALA B 244 11.92 -5.02 -10.21
CA ALA B 244 11.38 -3.73 -10.70
C ALA B 244 10.22 -3.95 -11.66
N TRP B 245 10.46 -4.74 -12.67
CA TRP B 245 9.48 -5.04 -13.71
C TRP B 245 8.14 -5.58 -13.17
N ARG B 246 8.21 -6.62 -12.33
CA ARG B 246 7.01 -7.34 -11.87
C ARG B 246 6.33 -6.64 -10.69
N ASN B 247 6.96 -5.58 -10.19
CA ASN B 247 6.30 -4.66 -9.24
C ASN B 247 6.01 -3.29 -9.83
N GLY B 248 5.47 -3.28 -11.04
CA GLY B 248 4.91 -2.06 -11.61
C GLY B 248 5.88 -1.03 -12.14
N GLY B 249 7.14 -1.43 -12.34
CA GLY B 249 8.17 -0.51 -12.83
C GLY B 249 7.92 -0.06 -14.25
N ARG B 250 7.72 1.23 -14.45
CA ARG B 250 7.53 1.78 -15.79
C ARG B 250 8.86 2.19 -16.43
N TYR B 251 9.74 2.74 -15.60
CA TYR B 251 11.08 3.22 -16.01
C TYR B 251 12.17 2.56 -15.17
N PHE B 252 13.40 2.56 -15.69
CA PHE B 252 14.52 1.85 -15.07
C PHE B 252 15.89 2.55 -15.16
N GLN B 253 16.69 2.39 -14.13
CA GLN B 253 17.99 3.06 -14.05
C GLN B 253 18.97 2.26 -13.19
N GLY B 254 20.23 2.28 -13.59
CA GLY B 254 21.26 1.59 -12.85
C GLY B 254 22.47 1.31 -13.71
N TYR B 255 23.54 0.91 -13.04
CA TYR B 255 24.78 0.48 -13.69
C TYR B 255 24.52 -0.72 -14.58
N TYR B 256 23.66 -1.62 -14.10
CA TYR B 256 23.30 -2.82 -14.85
C TYR B 256 22.64 -2.46 -16.19
N LEU B 257 22.07 -1.28 -16.30
CA LEU B 257 21.58 -0.82 -17.60
C LEU B 257 22.73 -0.14 -18.33
N VAL B 258 23.04 1.08 -17.92
CA VAL B 258 24.13 1.86 -18.47
C VAL B 258 24.61 2.85 -17.40
N SER B 259 25.93 2.94 -17.27
CA SER B 259 26.53 3.82 -16.30
C SER B 259 26.49 5.24 -16.81
N PRO B 260 26.59 6.23 -15.92
CA PRO B 260 26.64 7.62 -16.38
C PRO B 260 27.82 7.86 -17.28
N SER B 261 27.65 8.72 -18.29
CA SER B 261 28.73 9.01 -19.23
C SER B 261 28.59 10.43 -19.74
N GLU B 262 29.63 10.90 -20.42
CA GLU B 262 29.72 12.32 -20.74
C GLU B 262 28.85 12.71 -21.92
N THR B 263 28.39 11.71 -22.65
CA THR B 263 27.59 11.94 -23.85
C THR B 263 26.34 11.09 -23.84
N PHE B 264 25.47 11.38 -24.79
CA PHE B 264 24.23 10.68 -24.95
C PHE B 264 24.46 9.36 -25.67
N LEU B 265 23.44 8.49 -25.68
CA LEU B 265 23.53 7.19 -26.34
C LEU B 265 22.46 7.05 -27.41
N GLU B 266 22.65 6.11 -28.33
CA GLU B 266 21.62 5.77 -29.30
C GLU B 266 20.38 5.37 -28.50
N ARG B 267 19.23 5.92 -28.88
CA ARG B 267 17.98 5.75 -28.11
C ARG B 267 17.56 4.30 -27.95
N ASP B 268 17.78 3.51 -28.98
CA ASP B 268 17.47 2.07 -28.93
C ASP B 268 18.76 1.27 -28.68
N VAL B 269 19.63 1.76 -27.79
CA VAL B 269 20.93 1.11 -27.53
C VAL B 269 20.75 -0.26 -26.91
N LEU B 270 19.79 -0.40 -26.01
CA LEU B 270 19.58 -1.64 -25.29
C LEU B 270 18.32 -2.36 -25.70
N LYS B 271 17.69 -1.95 -26.81
CA LYS B 271 16.35 -2.44 -27.13
C LYS B 271 16.25 -3.96 -27.16
N GLN B 272 17.08 -4.61 -27.97
CA GLN B 272 16.98 -6.07 -28.12
C GLN B 272 17.32 -6.82 -26.83
N ARG B 273 18.31 -6.31 -26.10
CA ARG B 273 18.70 -6.92 -24.83
C ARG B 273 17.58 -6.90 -23.81
N LEU B 274 16.96 -5.73 -23.66
CA LEU B 274 15.78 -5.57 -22.80
C LEU B 274 14.56 -6.32 -23.35
N LYS B 275 14.38 -6.31 -24.66
CA LYS B 275 13.26 -7.04 -25.25
C LYS B 275 13.31 -8.50 -24.86
N THR B 276 14.49 -9.07 -24.90
CA THR B 276 14.64 -10.49 -24.58
C THR B 276 14.58 -10.69 -23.08
N GLU B 277 15.28 -9.84 -22.32
CA GLU B 277 15.23 -9.90 -20.84
C GLU B 277 13.82 -9.76 -20.28
N PHE B 278 12.98 -8.99 -20.97
CA PHE B 278 11.58 -8.82 -20.56
C PHE B 278 10.68 -9.92 -21.04
N HIS B 279 10.99 -10.47 -22.19
CA HIS B 279 10.26 -11.65 -22.65
C HIS B 279 10.37 -12.74 -21.60
N GLN B 280 11.58 -12.94 -21.09
CA GLN B 280 11.82 -13.95 -20.09
C GLN B 280 11.05 -13.66 -18.80
N PHE B 281 10.93 -12.39 -18.41
CA PHE B 281 10.10 -12.05 -17.22
C PHE B 281 8.63 -12.39 -17.44
N ILE B 282 8.13 -12.01 -18.62
CA ILE B 282 6.76 -12.30 -18.99
C ILE B 282 6.48 -13.80 -18.94
N THR B 283 7.34 -14.58 -19.59
CA THR B 283 7.18 -16.02 -19.64
C THR B 283 7.13 -16.59 -18.25
N HIS B 284 8.06 -16.16 -17.41
CA HIS B 284 8.13 -16.61 -16.03
C HIS B 284 6.82 -16.39 -15.30
N GLU B 285 6.35 -15.14 -15.33
CA GLU B 285 5.13 -14.76 -14.62
C GLU B 285 3.89 -15.45 -15.14
N LYS B 286 3.85 -15.74 -16.43
CA LYS B 286 2.74 -16.51 -16.95
C LYS B 286 2.80 -17.96 -16.48
N LYS B 287 3.96 -18.60 -16.67
CA LYS B 287 4.13 -19.97 -16.21
C LYS B 287 3.70 -19.96 -14.78
N LYS B 288 3.98 -18.85 -14.11
CA LYS B 288 3.64 -18.67 -12.70
C LYS B 288 2.13 -18.53 -12.42
N LEU B 289 1.42 -17.75 -13.24
CA LEU B 289 0.00 -17.48 -13.03
C LEU B 289 -0.86 -18.68 -13.42
N GLU B 290 -0.48 -19.31 -14.53
CA GLU B 290 -1.20 -20.48 -15.02
C GLU B 290 -1.01 -21.62 -14.08
N THR B 291 0.21 -21.80 -13.60
CA THR B 291 0.52 -22.92 -12.69
C THR B 291 -0.34 -22.88 -11.44
N VAL B 292 -0.63 -21.68 -10.94
CA VAL B 292 -1.49 -21.53 -9.76
C VAL B 292 -2.98 -21.66 -10.10
N TYR B 293 -3.42 -21.16 -11.25
CA TYR B 293 -4.81 -21.33 -11.67
C TYR B 293 -5.13 -22.79 -11.95
N GLU B 294 -4.18 -23.49 -12.57
CA GLU B 294 -4.30 -24.91 -12.87
C GLU B 294 -4.43 -25.67 -11.56
N HIS B 295 -3.57 -25.33 -10.61
CA HIS B 295 -3.60 -25.94 -9.27
C HIS B 295 -4.94 -25.73 -8.58
N SER B 296 -5.46 -24.50 -8.69
CA SER B 296 -6.76 -24.16 -8.12
C SER B 296 -7.87 -25.02 -8.71
N GLU B 297 -7.85 -25.22 -10.02
CA GLU B 297 -8.86 -26.04 -10.66
C GLU B 297 -8.90 -27.43 -10.05
N GLN B 298 -7.75 -28.11 -10.03
CA GLN B 298 -7.69 -29.48 -9.52
C GLN B 298 -8.13 -29.60 -8.08
N PHE B 299 -7.74 -28.62 -7.28
CA PHE B 299 -8.14 -28.56 -5.89
C PHE B 299 -9.67 -28.49 -5.81
N TYR B 300 -10.28 -27.58 -6.57
CA TYR B 300 -11.75 -27.50 -6.64
C TYR B 300 -12.38 -28.85 -6.95
N LYS B 301 -11.77 -29.61 -7.85
CA LYS B 301 -12.25 -30.95 -8.15
C LYS B 301 -12.11 -31.89 -6.96
N ARG B 302 -10.94 -31.89 -6.33
CA ARG B 302 -10.72 -32.68 -5.10
C ARG B 302 -11.76 -32.36 -4.02
N VAL B 303 -11.99 -31.07 -3.78
CA VAL B 303 -12.99 -30.64 -2.79
C VAL B 303 -14.41 -31.01 -3.21
N HIS B 304 -14.75 -30.76 -4.47
CA HIS B 304 -16.08 -31.07 -4.97
C HIS B 304 -16.41 -32.57 -4.78
N GLN B 305 -15.48 -33.44 -5.18
CA GLN B 305 -15.60 -34.90 -4.96
C GLN B 305 -15.84 -35.22 -3.49
N ALA B 306 -14.97 -34.69 -2.64
CA ALA B 306 -15.00 -34.95 -1.21
C ALA B 306 -16.33 -34.50 -0.60
N VAL B 307 -16.72 -33.27 -0.90
CA VAL B 307 -17.92 -32.68 -0.29
C VAL B 307 -19.21 -33.39 -0.73
N THR B 308 -19.36 -33.66 -2.02
CA THR B 308 -20.56 -34.32 -2.52
C THR B 308 -20.66 -35.79 -2.10
N SER B 309 -19.52 -36.44 -1.95
CA SER B 309 -19.44 -37.80 -1.40
C SER B 309 -19.97 -37.84 0.04
N LEU B 310 -19.44 -36.93 0.87
CA LEU B 310 -19.88 -36.79 2.26
C LEU B 310 -21.31 -36.25 2.42
N ARG B 311 -21.75 -35.40 1.50
CA ARG B 311 -23.04 -34.69 1.65
C ARG B 311 -24.28 -35.54 1.31
N LYS B 312 -24.08 -36.72 0.72
CA LYS B 312 -25.21 -37.62 0.44
C LYS B 312 -25.62 -38.43 1.66
N ASN B 313 -25.13 -38.03 2.85
CA ASN B 313 -25.21 -38.85 4.06
C ASN B 313 -25.98 -38.16 5.19
N ASN B 314 -26.19 -38.90 6.27
CA ASN B 314 -26.98 -38.46 7.43
C ASN B 314 -26.14 -37.68 8.45
N LEU B 315 -25.37 -36.70 7.98
CA LEU B 315 -24.61 -35.82 8.87
C LEU B 315 -25.29 -34.44 8.87
N SER B 316 -26.45 -34.37 9.51
CA SER B 316 -27.26 -33.15 9.55
C SER B 316 -26.47 -32.01 10.18
N SER B 317 -25.76 -32.33 11.26
CA SER B 317 -24.84 -31.39 11.86
C SER B 317 -23.93 -30.89 10.77
N ASP B 318 -23.91 -29.58 10.61
CA ASP B 318 -22.96 -28.94 9.74
C ASP B 318 -21.55 -29.14 10.30
N ASP B 319 -21.46 -29.33 11.62
CA ASP B 319 -20.18 -29.53 12.31
C ASP B 319 -19.58 -30.92 12.08
N ASP B 320 -20.40 -31.97 12.20
CA ASP B 320 -19.98 -33.34 11.86
C ASP B 320 -19.29 -33.41 10.50
N PHE B 321 -19.86 -32.71 9.53
CA PHE B 321 -19.37 -32.72 8.15
C PHE B 321 -17.93 -32.22 7.99
N ILE B 322 -17.63 -31.04 8.53
CA ILE B 322 -16.29 -30.45 8.34
C ILE B 322 -15.20 -31.27 9.03
N LYS B 323 -15.57 -32.01 10.07
CA LYS B 323 -14.63 -32.92 10.71
C LYS B 323 -14.24 -34.01 9.73
N LYS B 324 -15.26 -34.65 9.16
CA LYS B 324 -15.05 -35.69 8.16
C LYS B 324 -14.19 -35.15 7.02
N LEU B 325 -14.53 -33.95 6.55
CA LEU B 325 -13.83 -33.35 5.42
C LEU B 325 -12.35 -33.17 5.72
N ALA B 326 -12.05 -32.70 6.93
CA ALA B 326 -10.68 -32.43 7.34
C ALA B 326 -9.85 -33.70 7.25
N GLU B 327 -10.44 -34.81 7.68
CA GLU B 327 -9.78 -36.11 7.58
C GLU B 327 -9.60 -36.48 6.11
N GLU B 328 -10.61 -36.19 5.30
CA GLU B 328 -10.51 -36.38 3.86
C GLU B 328 -9.33 -35.59 3.32
N LEU B 329 -9.30 -34.30 3.64
CA LEU B 329 -8.29 -33.35 3.14
C LEU B 329 -7.12 -33.15 4.10
N THR B 330 -6.82 -34.19 4.87
CA THR B 330 -5.84 -34.07 5.94
C THR B 330 -4.46 -33.65 5.46
N ASP B 331 -4.07 -34.08 4.27
CA ASP B 331 -2.74 -33.80 3.77
C ASP B 331 -2.47 -32.34 3.44
N CYS B 332 -3.51 -31.54 3.20
CA CYS B 332 -3.35 -30.20 2.61
C CYS B 332 -4.02 -29.05 3.36
N SER B 333 -4.97 -29.37 4.23
CA SER B 333 -5.69 -28.34 4.96
C SER B 333 -5.15 -28.23 6.39
N PHE B 334 -5.38 -27.07 7.04
CA PHE B 334 -5.10 -26.92 8.47
C PHE B 334 -6.24 -26.26 9.26
N ARG B 335 -7.18 -25.62 8.56
CA ARG B 335 -8.40 -25.11 9.19
C ARG B 335 -9.59 -25.16 8.23
N ILE B 336 -10.79 -25.42 8.78
CA ILE B 336 -12.01 -25.46 7.97
C ILE B 336 -13.26 -24.99 8.75
N TYR B 337 -14.07 -24.12 8.14
CA TYR B 337 -15.34 -23.67 8.71
C TYR B 337 -16.33 -23.28 7.64
N MET B 338 -17.58 -23.05 8.05
CA MET B 338 -18.63 -22.60 7.11
C MET B 338 -19.25 -21.27 7.54
N CYS B 339 -19.65 -20.46 6.56
CA CYS B 339 -20.35 -19.19 6.83
C CYS B 339 -21.56 -19.03 5.94
N ASP B 340 -22.51 -18.19 6.36
CA ASP B 340 -23.66 -17.84 5.52
C ASP B 340 -23.34 -16.64 4.63
N GLU B 341 -24.32 -16.24 3.80
CA GLU B 341 -24.12 -15.14 2.84
C GLU B 341 -23.63 -13.84 3.49
N GLU B 342 -24.01 -13.55 4.73
CA GLU B 342 -23.57 -12.30 5.38
C GLU B 342 -22.34 -12.45 6.29
N GLY B 343 -21.61 -13.54 6.14
CA GLY B 343 -20.36 -13.75 6.85
C GLY B 343 -20.44 -14.32 8.25
N ASP B 344 -21.65 -14.60 8.73
CA ASP B 344 -21.77 -15.24 10.04
C ASP B 344 -21.31 -16.69 9.99
N GLN B 345 -20.35 -17.04 10.84
CA GLN B 345 -19.83 -18.41 10.91
C GLN B 345 -20.89 -19.36 11.43
N LEU B 346 -21.31 -20.30 10.58
CA LEU B 346 -22.36 -21.26 10.94
C LEU B 346 -21.84 -22.37 11.87
N THR B 347 -20.67 -22.90 11.56
CA THR B 347 -20.05 -23.98 12.35
C THR B 347 -18.92 -23.45 13.23
N GLY B 348 -18.30 -24.34 14.01
CA GLY B 348 -17.07 -24.02 14.73
C GLY B 348 -15.89 -24.61 14.01
N ASN B 349 -14.70 -24.05 14.21
CA ASN B 349 -13.50 -24.48 13.48
C ASN B 349 -13.06 -25.92 13.76
N VAL B 350 -12.65 -26.63 12.71
CA VAL B 350 -11.74 -27.76 12.86
C VAL B 350 -10.33 -27.24 12.55
N PHE B 351 -9.39 -27.44 13.46
CA PHE B 351 -8.05 -26.87 13.36
C PHE B 351 -7.01 -27.96 13.56
N LYS B 352 -6.13 -28.13 12.59
CA LYS B 352 -5.07 -29.13 12.71
C LYS B 352 -3.91 -28.55 13.50
N GLN B 353 -3.48 -29.29 14.52
CA GLN B 353 -2.40 -28.85 15.39
C GLN B 353 -1.56 -30.05 15.74
N ASP B 354 -0.24 -29.91 15.61
CA ASP B 354 0.68 -31.01 15.93
C ASP B 354 0.19 -32.31 15.28
N GLY B 355 -0.20 -32.21 14.00
CA GLY B 355 -0.65 -33.37 13.23
C GLY B 355 -1.97 -34.01 13.66
N GLU B 356 -2.69 -33.36 14.58
CA GLU B 356 -3.97 -33.85 15.09
C GLU B 356 -5.02 -32.77 14.91
N TRP B 357 -6.26 -33.18 14.65
CA TRP B 357 -7.33 -32.20 14.45
C TRP B 357 -8.08 -31.99 15.75
N ILE B 358 -8.34 -30.71 16.03
CA ILE B 358 -9.05 -30.28 17.21
C ILE B 358 -10.31 -29.55 16.77
N TYR B 359 -11.38 -29.69 17.55
CA TYR B 359 -12.62 -28.98 17.30
C TYR B 359 -12.75 -27.80 18.27
N GLN B 360 -12.89 -26.61 17.71
CA GLN B 360 -12.99 -25.37 18.49
C GLN B 360 -14.41 -24.81 18.34
N PRO B 361 -15.34 -25.25 19.20
CA PRO B 361 -16.74 -24.85 19.00
C PRO B 361 -16.98 -23.35 19.18
N GLU B 362 -16.18 -22.72 20.05
CA GLU B 362 -16.34 -21.31 20.42
C GLU B 362 -16.37 -20.35 19.22
N TYR B 363 -15.71 -20.74 18.13
CA TYR B 363 -15.62 -19.90 16.92
C TYR B 363 -16.95 -19.75 16.17
N ALA B 364 -17.94 -20.58 16.49
CA ALA B 364 -19.29 -20.39 15.95
C ALA B 364 -19.78 -19.02 16.34
N GLU B 365 -20.78 -18.51 15.65
CA GLU B 365 -21.39 -17.21 15.96
C GLU B 365 -20.38 -16.04 15.90
N LYS B 366 -19.44 -16.11 14.97
CA LYS B 366 -18.55 -14.99 14.67
C LYS B 366 -18.84 -14.45 13.27
N ASN B 367 -18.59 -13.16 13.06
CA ASN B 367 -18.77 -12.54 11.75
C ASN B 367 -17.46 -12.09 11.13
N TRP B 368 -17.35 -12.22 9.81
CA TRP B 368 -16.08 -11.99 9.11
C TRP B 368 -16.17 -11.03 7.91
N SER B 369 -17.32 -10.39 7.73
CA SER B 369 -17.53 -9.53 6.57
C SER B 369 -16.61 -8.30 6.57
N TRP B 370 -16.05 -7.99 7.73
CA TRP B 370 -15.07 -6.91 7.86
C TRP B 370 -13.78 -7.22 7.11
N ARG B 371 -13.49 -8.51 6.90
CA ARG B 371 -12.26 -8.93 6.26
C ARG B 371 -12.18 -8.48 4.80
N PRO B 372 -11.02 -7.96 4.40
CA PRO B 372 -10.79 -7.63 3.02
C PRO B 372 -11.21 -8.75 2.10
N TYR B 373 -11.91 -8.39 1.02
CA TYR B 373 -12.35 -9.33 -0.02
C TYR B 373 -13.54 -10.20 0.35
N PHE B 374 -13.76 -10.39 1.64
CA PHE B 374 -14.69 -11.42 2.06
C PHE B 374 -16.03 -11.35 1.34
N LEU B 375 -16.73 -10.23 1.44
CA LEU B 375 -18.03 -10.09 0.75
C LEU B 375 -17.90 -10.16 -0.76
N GLU B 376 -16.84 -9.56 -1.29
CA GLU B 376 -16.59 -9.66 -2.73
C GLU B 376 -16.53 -11.12 -3.20
N ASN B 377 -15.85 -11.96 -2.44
CA ASN B 377 -15.75 -13.36 -2.82
C ASN B 377 -17.08 -14.09 -2.71
N ILE B 378 -17.94 -13.66 -1.81
CA ILE B 378 -19.21 -14.31 -1.67
C ILE B 378 -20.00 -14.15 -2.96
N MET B 379 -20.08 -12.93 -3.47
CA MET B 379 -20.82 -12.68 -4.71
C MET B 379 -20.08 -13.20 -5.93
N ARG B 380 -18.79 -13.42 -5.79
CA ARG B 380 -18.00 -14.02 -6.87
C ARG B 380 -18.29 -15.52 -6.95
N MET B 381 -18.26 -16.18 -5.79
CA MET B 381 -18.60 -17.59 -5.70
C MET B 381 -20.00 -17.89 -6.25
N ARG B 382 -20.95 -17.00 -5.98
CA ARG B 382 -22.31 -17.12 -6.51
C ARG B 382 -22.34 -17.02 -8.03
N ASN B 383 -21.91 -15.87 -8.53
CA ASN B 383 -21.97 -15.58 -9.96
C ASN B 383 -21.20 -16.60 -10.77
N LEU B 384 -19.94 -16.80 -10.37
CA LEU B 384 -19.03 -17.70 -11.07
C LEU B 384 -19.40 -19.16 -10.83
N ARG B 385 -20.13 -19.41 -9.76
CA ARG B 385 -20.58 -20.75 -9.39
C ARG B 385 -19.43 -21.77 -9.19
N LYS B 386 -18.21 -21.28 -8.97
CA LYS B 386 -17.05 -22.14 -8.70
C LYS B 386 -16.35 -21.73 -7.42
N GLY B 387 -15.31 -22.48 -7.06
CA GLY B 387 -14.44 -22.14 -5.95
C GLY B 387 -13.07 -21.69 -6.42
N PHE B 388 -12.29 -21.09 -5.53
CA PHE B 388 -10.98 -20.52 -5.89
C PHE B 388 -10.11 -20.20 -4.67
N PHE B 389 -8.81 -19.97 -4.93
CA PHE B 389 -7.86 -19.53 -3.90
C PHE B 389 -7.82 -18.01 -3.73
N SER B 390 -7.34 -17.56 -2.57
CA SER B 390 -6.94 -16.18 -2.36
C SER B 390 -5.48 -16.01 -2.73
N ASP B 391 -5.00 -14.77 -2.77
CA ASP B 391 -3.56 -14.50 -2.80
C ASP B 391 -2.93 -14.99 -1.51
N LEU B 392 -1.61 -14.82 -1.36
CA LEU B 392 -0.93 -15.22 -0.14
C LEU B 392 -1.18 -14.17 0.96
N TYR B 393 -1.62 -14.63 2.13
CA TYR B 393 -1.65 -13.75 3.30
C TYR B 393 -1.21 -14.45 4.58
N SER B 394 -0.97 -13.64 5.59
CA SER B 394 -0.42 -14.09 6.85
C SER B 394 -1.58 -14.35 7.80
N ASP B 395 -1.77 -15.61 8.18
CA ASP B 395 -2.86 -16.03 9.03
C ASP B 395 -2.72 -15.35 10.40
N LEU B 396 -3.83 -14.85 10.95
CA LEU B 396 -3.74 -14.02 12.17
C LEU B 396 -3.38 -14.81 13.41
N GLU B 397 -3.71 -16.09 13.42
CA GLU B 397 -3.43 -16.92 14.59
C GLU B 397 -2.08 -17.59 14.51
N THR B 398 -1.87 -18.43 13.51
CA THR B 398 -0.60 -19.16 13.41
C THR B 398 0.54 -18.19 13.07
N GLY B 399 0.26 -17.24 12.17
CA GLY B 399 1.26 -16.24 11.75
C GLY B 399 1.95 -16.55 10.42
N GLU B 400 1.87 -17.80 9.99
CA GLU B 400 2.61 -18.21 8.80
C GLU B 400 1.80 -17.83 7.60
N MET B 401 2.44 -17.80 6.45
CA MET B 401 1.74 -17.46 5.21
C MET B 401 0.88 -18.61 4.73
N ILE B 402 -0.35 -18.29 4.33
CA ILE B 402 -1.32 -19.27 3.90
C ILE B 402 -2.13 -18.79 2.69
N ARG B 403 -2.96 -19.68 2.16
CA ARG B 403 -4.01 -19.32 1.25
C ARG B 403 -5.31 -19.95 1.75
N THR B 404 -6.42 -19.31 1.45
CA THR B 404 -7.71 -19.88 1.77
C THR B 404 -8.38 -20.25 0.47
N PHE B 405 -9.05 -21.40 0.46
CA PHE B 405 -9.86 -21.80 -0.69
C PHE B 405 -11.31 -21.63 -0.32
N SER B 406 -12.06 -20.93 -1.16
CA SER B 406 -13.49 -20.70 -0.93
C SER B 406 -14.30 -21.57 -1.89
N TYR B 407 -15.31 -22.25 -1.34
CA TYR B 407 -16.12 -23.21 -2.09
C TYR B 407 -17.59 -22.96 -1.75
N PRO B 408 -18.42 -22.73 -2.79
CA PRO B 408 -19.84 -22.52 -2.54
C PRO B 408 -20.62 -23.82 -2.48
N MET B 409 -21.73 -23.76 -1.75
CA MET B 409 -22.49 -24.94 -1.42
C MET B 409 -23.97 -24.66 -1.57
N ASP B 410 -24.73 -25.75 -1.46
CA ASP B 410 -26.16 -25.68 -1.47
C ASP B 410 -26.65 -24.86 -0.28
N ASP B 411 -27.84 -24.31 -0.42
CA ASP B 411 -28.50 -23.53 0.62
C ASP B 411 -27.75 -22.22 0.96
N GLN B 412 -27.26 -21.53 -0.07
CA GLN B 412 -26.59 -20.23 0.10
C GLN B 412 -25.63 -20.20 1.29
N MET B 413 -24.84 -21.27 1.40
CA MET B 413 -23.80 -21.41 2.40
C MET B 413 -22.45 -21.56 1.72
N TYR B 414 -21.38 -21.15 2.41
CA TYR B 414 -20.06 -21.05 1.80
C TYR B 414 -19.01 -21.68 2.68
N LEU B 415 -18.19 -22.54 2.08
CA LEU B 415 -17.18 -23.31 2.81
C LEU B 415 -15.81 -22.69 2.63
N PHE B 416 -15.05 -22.62 3.72
CA PHE B 416 -13.72 -22.00 3.73
C PHE B 416 -12.66 -22.98 4.20
N ILE B 417 -11.60 -23.14 3.41
CA ILE B 417 -10.54 -24.08 3.74
C ILE B 417 -9.19 -23.37 3.69
N ASP B 418 -8.38 -23.60 4.72
CA ASP B 418 -7.12 -22.89 4.88
C ASP B 418 -5.94 -23.81 4.63
N LEU B 419 -5.07 -23.41 3.71
CA LEU B 419 -4.03 -24.27 3.17
C LEU B 419 -2.67 -23.62 3.41
N PRO B 420 -1.73 -24.34 4.04
CA PRO B 420 -0.40 -23.77 4.21
C PRO B 420 0.60 -24.26 3.17
N TYR B 421 1.03 -23.35 2.29
CA TYR B 421 2.20 -23.53 1.38
C TYR B 421 1.99 -24.41 0.14
N SER B 422 2.62 -25.59 0.11
CA SER B 422 2.95 -26.33 -1.13
C SER B 422 3.75 -25.45 -2.14
N TYR B 423 4.61 -24.58 -1.60
CA TYR B 423 5.40 -23.61 -2.39
C TYR B 423 4.60 -22.91 -3.50
#